data_2O6I
#
_entry.id   2O6I
#
_cell.length_a   109.913
_cell.length_b   109.913
_cell.length_c   182.412
_cell.angle_alpha   90.00
_cell.angle_beta   90.00
_cell.angle_gamma   120.00
#
_symmetry.space_group_name_H-M   'P 32 2 1'
#
loop_
_entity.id
_entity.type
_entity.pdbx_description
1 polymer 'HD domain protein'
2 non-polymer 'ZINC ION'
3 non-polymer 'CHLORIDE ION'
4 non-polymer '2-HYDROXYETHYL DISULFIDE'
5 water water
#
_entity_poly.entity_id   1
_entity_poly.type   'polypeptide(L)'
_entity_poly.pdbx_seq_one_letter_code
;MHHHHHHSSGVDLGTENLYFQSNAMTIPYKEQRLPIEKVFRDPVHNYIHVQHQVILDLINSAEVQRLRRIKQLGTSSFTF
HGAEHSRFSHSLGVYEITRRICEIFQRNYSVERLGENGWNDDERLITLCAALLHDVGHGPYSHTFEHIFDTNHEAITVQI
ITSPETEVYQILNRVSADFPEKVASVITKQYPNPQVVQMISSQIDADRMDYLLRDAYFTGTEYGTFDLTRILRVIRPYKG
GIAFAMNGMHAVEDYIVSRYQMYVQVYFHPVSRGMEVILDHLLHRAKELFENPEFDYDLQASLLVPFFKGDFTLQEYLKL
DDGVLSTYFTQWMDVPDSILGDLAKRFLMRKPLKSATFTNEKESAATIAYLRELIEKVGFNPKYYTAINSSYDLPYDFYR
PNKDRHRTQIELMQKDGSLVELATVSPLVAALAGQSQGDERFYFPKEMLDQGNKKHYDLFDETYREFSSYIHNGALVLKK
;
_entity_poly.pdbx_strand_id   A,B
#
loop_
_chem_comp.id
_chem_comp.type
_chem_comp.name
_chem_comp.formula
CL non-polymer 'CHLORIDE ION' 'Cl -1'
HED non-polymer '2-HYDROXYETHYL DISULFIDE' 'C4 H10 O2 S2'
ZN non-polymer 'ZINC ION' 'Zn 2'
#
# COMPACT_ATOMS: atom_id res chain seq x y z
N MET A 25 -35.00 -36.49 -22.58
CA MET A 25 -33.94 -37.26 -23.28
C MET A 25 -33.21 -38.29 -22.39
N THR A 26 -32.82 -37.93 -21.16
CA THR A 26 -33.05 -36.63 -20.53
C THR A 26 -31.71 -36.03 -20.09
N ILE A 27 -31.53 -34.73 -20.30
CA ILE A 27 -30.31 -34.05 -19.89
C ILE A 27 -30.24 -34.06 -18.36
N PRO A 28 -29.17 -34.66 -17.80
CA PRO A 28 -29.02 -34.74 -16.35
C PRO A 28 -28.94 -33.36 -15.71
N TYR A 29 -29.40 -33.27 -14.47
CA TYR A 29 -29.41 -32.03 -13.72
C TYR A 29 -28.02 -31.38 -13.63
N LYS A 30 -26.97 -32.20 -13.60
CA LYS A 30 -25.59 -31.72 -13.58
C LYS A 30 -25.30 -30.75 -14.73
N GLU A 31 -25.65 -31.19 -15.94
CA GLU A 31 -25.34 -30.48 -17.18
C GLU A 31 -26.35 -29.44 -17.65
N GLN A 32 -27.47 -29.28 -16.95
CA GLN A 32 -28.52 -28.35 -17.40
C GLN A 32 -28.13 -26.86 -17.46
N ARG A 33 -28.22 -26.30 -18.66
N ARG A 33 -28.20 -26.29 -18.66
CA ARG A 33 -27.92 -24.89 -18.87
CA ARG A 33 -27.90 -24.88 -18.87
C ARG A 33 -29.19 -24.07 -19.06
C ARG A 33 -29.15 -24.06 -19.13
N LEU A 34 -29.07 -22.76 -18.82
CA LEU A 34 -30.19 -21.84 -19.01
C LEU A 34 -30.34 -21.53 -20.50
N PRO A 35 -31.57 -21.20 -20.94
CA PRO A 35 -31.78 -20.89 -22.36
C PRO A 35 -30.84 -19.75 -22.73
N ILE A 36 -30.85 -18.71 -21.89
CA ILE A 36 -29.98 -17.57 -22.07
C ILE A 36 -29.32 -17.26 -20.73
N GLU A 37 -28.08 -16.80 -20.77
CA GLU A 37 -27.29 -16.49 -19.59
C GLU A 37 -27.96 -15.44 -18.69
N LYS A 38 -28.27 -15.82 -17.46
CA LYS A 38 -28.85 -14.88 -16.51
C LYS A 38 -27.74 -13.99 -15.97
N VAL A 39 -28.08 -12.76 -15.64
CA VAL A 39 -27.10 -11.78 -15.19
C VAL A 39 -27.56 -10.97 -13.97
N PHE A 40 -26.59 -10.56 -13.16
CA PHE A 40 -26.83 -9.73 -11.98
C PHE A 40 -25.86 -8.57 -12.04
N ARG A 41 -26.40 -7.35 -11.93
N ARG A 41 -26.39 -7.35 -11.97
CA ARG A 41 -25.56 -6.14 -11.94
CA ARG A 41 -25.54 -6.16 -11.93
C ARG A 41 -24.78 -6.08 -10.62
C ARG A 41 -24.75 -6.15 -10.63
N ASP A 42 -23.52 -5.66 -10.70
CA ASP A 42 -22.67 -5.61 -9.51
C ASP A 42 -21.67 -4.46 -9.56
N PRO A 43 -21.59 -3.65 -8.50
CA PRO A 43 -20.66 -2.52 -8.45
C PRO A 43 -19.19 -2.96 -8.41
N VAL A 44 -18.92 -4.15 -7.90
CA VAL A 44 -17.54 -4.62 -7.82
C VAL A 44 -17.10 -5.38 -9.07
N HIS A 45 -17.91 -6.35 -9.49
CA HIS A 45 -17.55 -7.19 -10.64
C HIS A 45 -18.26 -6.86 -11.95
N ASN A 46 -19.08 -5.81 -11.94
CA ASN A 46 -19.85 -5.41 -13.12
C ASN A 46 -21.05 -6.32 -13.27
N TYR A 47 -20.78 -7.57 -13.67
CA TYR A 47 -21.85 -8.53 -13.89
C TYR A 47 -21.57 -9.90 -13.30
N ILE A 48 -22.56 -10.44 -12.60
CA ILE A 48 -22.48 -11.79 -12.06
C ILE A 48 -23.14 -12.67 -13.11
N HIS A 49 -22.40 -13.63 -13.65
CA HIS A 49 -22.90 -14.48 -14.71
C HIS A 49 -23.37 -15.83 -14.20
N VAL A 50 -24.59 -16.20 -14.54
CA VAL A 50 -25.17 -17.47 -14.13
C VAL A 50 -25.64 -18.22 -15.37
N GLN A 51 -25.15 -19.45 -15.54
CA GLN A 51 -25.49 -20.24 -16.72
C GLN A 51 -25.95 -21.67 -16.44
N HIS A 52 -25.72 -22.16 -15.21
CA HIS A 52 -26.17 -23.50 -14.84
C HIS A 52 -27.50 -23.41 -14.10
N GLN A 53 -28.39 -24.34 -14.41
CA GLN A 53 -29.70 -24.40 -13.78
C GLN A 53 -29.58 -24.59 -12.27
N VAL A 54 -28.69 -25.50 -11.86
CA VAL A 54 -28.45 -25.79 -10.45
C VAL A 54 -28.11 -24.52 -9.67
N ILE A 55 -27.19 -23.72 -10.22
CA ILE A 55 -26.77 -22.47 -9.59
C ILE A 55 -27.96 -21.53 -9.42
N LEU A 56 -28.75 -21.34 -10.47
CA LEU A 56 -29.90 -20.46 -10.40
C LEU A 56 -30.85 -20.95 -9.30
N ASP A 57 -31.17 -22.24 -9.32
CA ASP A 57 -32.04 -22.84 -8.30
C ASP A 57 -31.48 -22.64 -6.90
N LEU A 58 -30.16 -22.77 -6.75
CA LEU A 58 -29.51 -22.54 -5.47
C LEU A 58 -29.72 -21.10 -5.01
N ILE A 59 -29.55 -20.15 -5.93
CA ILE A 59 -29.72 -18.73 -5.67
C ILE A 59 -31.15 -18.42 -5.22
N ASN A 60 -32.13 -19.06 -5.87
CA ASN A 60 -33.54 -18.83 -5.57
C ASN A 60 -34.06 -19.62 -4.39
N SER A 61 -33.22 -20.42 -3.75
CA SER A 61 -33.66 -21.21 -2.59
C SER A 61 -33.86 -20.30 -1.40
N ALA A 62 -34.83 -20.64 -0.55
CA ALA A 62 -35.15 -19.83 0.62
C ALA A 62 -33.93 -19.54 1.47
N GLU A 63 -33.09 -20.56 1.62
CA GLU A 63 -31.89 -20.50 2.45
C GLU A 63 -30.92 -19.43 1.95
N VAL A 64 -30.71 -19.37 0.65
CA VAL A 64 -29.80 -18.38 0.07
C VAL A 64 -30.48 -17.01 -0.02
N GLN A 65 -31.79 -16.99 -0.24
CA GLN A 65 -32.54 -15.72 -0.31
C GLN A 65 -32.57 -15.00 1.03
N ARG A 66 -32.51 -15.78 2.11
CA ARG A 66 -32.51 -15.24 3.46
C ARG A 66 -31.36 -14.27 3.67
N LEU A 67 -30.26 -14.52 2.96
CA LEU A 67 -29.05 -13.69 3.06
C LEU A 67 -29.23 -12.24 2.56
N ARG A 68 -30.31 -11.98 1.83
CA ARG A 68 -30.60 -10.62 1.35
C ARG A 68 -30.98 -9.72 2.50
N ARG A 69 -31.57 -10.34 3.51
CA ARG A 69 -32.08 -9.67 4.68
C ARG A 69 -31.06 -9.63 5.81
N ILE A 70 -29.80 -9.93 5.49
CA ILE A 70 -28.71 -9.92 6.47
C ILE A 70 -27.53 -9.10 5.93
N LYS A 71 -27.13 -8.08 6.69
CA LYS A 71 -26.01 -7.22 6.29
C LYS A 71 -24.66 -7.92 6.43
N GLN A 72 -23.82 -7.73 5.41
CA GLN A 72 -22.47 -8.32 5.37
C GLN A 72 -21.62 -7.78 6.50
N LEU A 73 -21.69 -6.46 6.68
CA LEU A 73 -21.04 -5.80 7.79
C LEU A 73 -22.18 -5.67 8.78
N GLY A 74 -22.12 -6.40 9.88
CA GLY A 74 -23.19 -6.34 10.86
C GLY A 74 -23.27 -4.98 11.51
N THR A 75 -22.77 -4.89 12.73
CA THR A 75 -22.75 -3.63 13.45
C THR A 75 -21.84 -2.61 12.76
N SER A 76 -20.74 -3.10 12.18
CA SER A 76 -19.76 -2.25 11.49
C SER A 76 -20.33 -1.40 10.36
N SER A 77 -21.49 -1.79 9.83
CA SER A 77 -22.10 -1.04 8.74
C SER A 77 -22.62 0.32 9.20
N PHE A 78 -22.89 0.44 10.49
CA PHE A 78 -23.40 1.70 11.05
C PHE A 78 -22.31 2.76 11.17
N THR A 79 -21.08 2.35 10.94
CA THR A 79 -19.92 3.23 11.01
C THR A 79 -19.82 4.11 9.78
N PHE A 80 -20.10 3.51 8.61
CA PHE A 80 -20.03 4.21 7.33
C PHE A 80 -21.41 4.26 6.73
N HIS A 81 -21.85 5.45 6.33
CA HIS A 81 -23.19 5.60 5.76
C HIS A 81 -23.35 5.01 4.36
N GLY A 82 -24.33 4.11 4.23
CA GLY A 82 -24.65 3.47 2.97
C GLY A 82 -24.03 2.09 2.76
N ALA A 83 -23.26 1.62 3.74
CA ALA A 83 -22.58 0.32 3.65
C ALA A 83 -23.44 -0.84 4.11
N GLU A 84 -24.70 -0.87 3.67
CA GLU A 84 -25.64 -1.90 4.10
C GLU A 84 -25.86 -2.98 3.04
N HIS A 85 -24.78 -3.35 2.37
CA HIS A 85 -24.80 -4.41 1.37
C HIS A 85 -25.00 -5.77 2.06
N SER A 86 -25.78 -6.64 1.42
CA SER A 86 -26.13 -7.92 2.02
C SER A 86 -25.11 -9.04 1.83
N ARG A 87 -25.26 -10.08 2.65
CA ARG A 87 -24.39 -11.25 2.57
C ARG A 87 -24.68 -12.00 1.27
N PHE A 88 -25.91 -11.87 0.81
CA PHE A 88 -26.35 -12.47 -0.45
C PHE A 88 -25.50 -11.92 -1.60
N SER A 89 -25.39 -10.59 -1.68
CA SER A 89 -24.63 -9.98 -2.77
C SER A 89 -23.13 -10.34 -2.68
N HIS A 90 -22.66 -10.63 -1.48
CA HIS A 90 -21.28 -11.07 -1.28
C HIS A 90 -21.12 -12.51 -1.76
N SER A 91 -22.12 -13.34 -1.48
CA SER A 91 -22.09 -14.74 -1.89
C SER A 91 -22.03 -14.86 -3.41
N LEU A 92 -22.84 -14.05 -4.11
CA LEU A 92 -22.84 -14.04 -5.56
C LEU A 92 -21.47 -13.59 -6.09
N GLY A 93 -20.84 -12.67 -5.36
CA GLY A 93 -19.53 -12.17 -5.72
C GLY A 93 -18.45 -13.25 -5.64
N VAL A 94 -18.46 -14.01 -4.56
CA VAL A 94 -17.49 -15.08 -4.37
C VAL A 94 -17.71 -16.11 -5.47
N TYR A 95 -18.98 -16.35 -5.78
CA TYR A 95 -19.35 -17.27 -6.85
C TYR A 95 -18.78 -16.77 -8.16
N GLU A 96 -18.89 -15.46 -8.39
CA GLU A 96 -18.42 -14.85 -9.63
C GLU A 96 -16.90 -14.90 -9.79
N ILE A 97 -16.16 -14.57 -8.73
CA ILE A 97 -14.71 -14.64 -8.78
C ILE A 97 -14.33 -16.09 -9.08
N THR A 98 -14.95 -17.02 -8.36
CA THR A 98 -14.72 -18.45 -8.50
C THR A 98 -14.90 -18.95 -9.93
N ARG A 99 -15.97 -18.53 -10.61
CA ARG A 99 -16.18 -19.03 -11.97
C ARG A 99 -15.19 -18.37 -12.93
N ARG A 100 -14.81 -17.12 -12.65
CA ARG A 100 -13.81 -16.43 -13.46
C ARG A 100 -12.51 -17.23 -13.38
N ILE A 101 -12.18 -17.67 -12.17
CA ILE A 101 -10.98 -18.47 -11.91
C ILE A 101 -11.05 -19.85 -12.59
N CYS A 102 -12.19 -20.52 -12.50
CA CYS A 102 -12.36 -21.82 -13.15
C CYS A 102 -12.27 -21.69 -14.67
N GLU A 103 -12.82 -20.60 -15.19
CA GLU A 103 -12.78 -20.35 -16.62
C GLU A 103 -11.33 -20.16 -17.04
N ILE A 104 -10.57 -19.42 -16.23
CA ILE A 104 -9.15 -19.20 -16.49
C ILE A 104 -8.41 -20.54 -16.42
N PHE A 105 -8.73 -21.34 -15.42
CA PHE A 105 -8.11 -22.64 -15.23
C PHE A 105 -8.35 -23.59 -16.41
N GLN A 106 -9.57 -23.61 -16.95
CA GLN A 106 -9.87 -24.50 -18.07
C GLN A 106 -9.25 -24.04 -19.39
N ARG A 107 -9.41 -22.76 -19.73
CA ARG A 107 -8.87 -22.22 -20.99
C ARG A 107 -7.36 -22.41 -21.17
N ASN A 108 -6.59 -22.33 -20.09
CA ASN A 108 -5.14 -22.44 -20.23
C ASN A 108 -4.33 -23.22 -19.18
N TYR A 109 -4.98 -23.93 -18.26
CA TYR A 109 -4.26 -24.72 -17.26
C TYR A 109 -4.96 -26.04 -16.94
N SER A 110 -5.48 -26.71 -17.95
CA SER A 110 -6.21 -27.96 -17.74
C SER A 110 -5.32 -29.18 -17.53
N VAL A 111 -5.94 -30.30 -17.16
CA VAL A 111 -5.21 -31.55 -16.98
C VAL A 111 -4.74 -32.02 -18.35
N GLU A 112 -5.56 -31.74 -19.36
CA GLU A 112 -5.28 -32.10 -20.76
C GLU A 112 -3.88 -31.70 -21.22
N ARG A 113 -3.37 -30.58 -20.72
CA ARG A 113 -2.04 -30.12 -21.13
C ARG A 113 -1.04 -29.91 -19.99
N LEU A 114 -1.47 -30.10 -18.75
CA LEU A 114 -0.56 -29.96 -17.61
C LEU A 114 -0.52 -31.22 -16.73
N GLY A 115 -1.39 -32.17 -17.06
CA GLY A 115 -1.43 -33.43 -16.33
C GLY A 115 -1.80 -33.29 -14.86
N GLU A 116 -0.88 -33.76 -14.01
CA GLU A 116 -1.08 -33.77 -12.56
C GLU A 116 -1.19 -32.37 -11.97
N ASN A 117 -0.44 -31.41 -12.53
CA ASN A 117 -0.49 -30.03 -12.08
C ASN A 117 -1.63 -29.24 -12.71
N GLY A 118 -2.42 -29.93 -13.54
CA GLY A 118 -3.53 -29.30 -14.25
C GLY A 118 -4.83 -29.25 -13.47
N TRP A 119 -5.82 -28.58 -14.06
CA TRP A 119 -7.14 -28.42 -13.46
C TRP A 119 -8.16 -29.30 -14.15
N ASN A 120 -8.94 -30.01 -13.35
CA ASN A 120 -10.00 -30.86 -13.88
C ASN A 120 -11.29 -30.06 -13.86
N ASP A 121 -11.87 -29.85 -15.04
CA ASP A 121 -13.08 -29.05 -15.15
C ASP A 121 -14.32 -29.73 -14.56
N ASP A 122 -14.28 -31.05 -14.40
CA ASP A 122 -15.40 -31.78 -13.80
C ASP A 122 -15.64 -31.35 -12.35
N GLU A 123 -14.71 -30.56 -11.82
CA GLU A 123 -14.78 -30.05 -10.46
C GLU A 123 -15.47 -28.68 -10.42
N ARG A 124 -15.80 -28.17 -11.61
CA ARG A 124 -16.41 -26.84 -11.75
C ARG A 124 -17.69 -26.65 -10.93
N LEU A 125 -18.65 -27.55 -11.10
CA LEU A 125 -19.93 -27.44 -10.42
C LEU A 125 -19.84 -27.42 -8.90
N ILE A 126 -19.07 -28.35 -8.33
CA ILE A 126 -18.96 -28.44 -6.88
C ILE A 126 -18.31 -27.19 -6.27
N THR A 127 -17.28 -26.65 -6.92
CA THR A 127 -16.60 -25.47 -6.40
C THR A 127 -17.49 -24.25 -6.50
N LEU A 128 -18.31 -24.19 -7.56
CA LEU A 128 -19.25 -23.11 -7.75
C LEU A 128 -20.34 -23.13 -6.69
N CYS A 129 -20.82 -24.33 -6.37
CA CYS A 129 -21.85 -24.51 -5.36
C CYS A 129 -21.33 -24.14 -3.99
N ALA A 130 -20.12 -24.59 -3.66
CA ALA A 130 -19.52 -24.28 -2.38
C ALA A 130 -19.25 -22.78 -2.26
N ALA A 131 -18.79 -22.16 -3.34
CA ALA A 131 -18.55 -20.72 -3.36
C ALA A 131 -19.80 -19.96 -2.96
N LEU A 132 -20.91 -20.29 -3.62
CA LEU A 132 -22.20 -19.66 -3.40
C LEU A 132 -22.81 -19.95 -2.03
N LEU A 133 -22.59 -21.16 -1.52
CA LEU A 133 -23.17 -21.57 -0.24
C LEU A 133 -22.24 -21.45 0.95
N HIS A 134 -21.06 -20.85 0.76
CA HIS A 134 -20.07 -20.81 1.84
C HIS A 134 -20.51 -20.05 3.09
N ASP A 135 -21.45 -19.14 2.93
CA ASP A 135 -21.95 -18.33 4.06
C ASP A 135 -23.42 -18.51 4.44
N VAL A 136 -24.08 -19.55 3.96
CA VAL A 136 -25.52 -19.71 4.27
C VAL A 136 -25.90 -19.77 5.75
N GLY A 137 -24.98 -20.22 6.60
CA GLY A 137 -25.27 -20.35 8.02
C GLY A 137 -25.06 -19.13 8.90
N HIS A 138 -24.74 -17.99 8.30
CA HIS A 138 -24.44 -16.78 9.08
C HIS A 138 -25.41 -16.23 10.13
N GLY A 139 -26.60 -15.84 9.73
CA GLY A 139 -27.53 -15.27 10.69
C GLY A 139 -27.20 -13.80 10.96
N PRO A 140 -28.20 -13.04 11.44
CA PRO A 140 -28.12 -11.60 11.71
C PRO A 140 -27.03 -11.22 12.71
N TYR A 141 -26.26 -10.17 12.38
CA TYR A 141 -25.18 -9.67 13.23
C TYR A 141 -24.38 -10.86 13.76
N SER A 142 -24.09 -11.76 12.82
CA SER A 142 -23.42 -13.04 13.05
C SER A 142 -22.40 -13.11 14.18
N HIS A 143 -21.36 -12.29 14.12
CA HIS A 143 -20.29 -12.32 15.12
C HIS A 143 -20.76 -12.08 16.56
N THR A 144 -21.61 -11.08 16.76
CA THR A 144 -22.13 -10.78 18.09
C THR A 144 -23.15 -11.83 18.52
N PHE A 145 -24.03 -12.18 17.60
CA PHE A 145 -25.06 -13.19 17.83
C PHE A 145 -24.42 -14.53 18.17
N GLU A 146 -23.27 -14.78 17.56
CA GLU A 146 -22.51 -16.01 17.73
C GLU A 146 -21.92 -16.16 19.14
N HIS A 147 -21.70 -15.05 19.83
CA HIS A 147 -21.16 -15.10 21.20
C HIS A 147 -22.25 -15.32 22.24
N ILE A 148 -23.30 -14.51 22.17
CA ILE A 148 -24.42 -14.57 23.11
C ILE A 148 -25.18 -15.89 23.10
N PHE A 149 -25.38 -16.45 21.92
CA PHE A 149 -26.01 -17.76 21.79
C PHE A 149 -24.92 -18.67 21.27
N ASP A 150 -24.88 -19.92 21.75
CA ASP A 150 -23.80 -20.84 21.40
C ASP A 150 -23.91 -21.36 19.95
N THR A 151 -24.01 -20.44 19.00
N THR A 151 -23.98 -20.42 19.01
CA THR A 151 -24.13 -20.79 17.59
CA THR A 151 -24.13 -20.69 17.58
C THR A 151 -22.79 -20.73 16.88
C THR A 151 -22.78 -20.69 16.86
N ASN A 152 -22.70 -21.41 15.74
CA ASN A 152 -21.47 -21.46 14.94
C ASN A 152 -21.83 -21.52 13.47
N HIS A 153 -21.69 -20.39 12.77
CA HIS A 153 -22.08 -20.30 11.36
C HIS A 153 -21.45 -21.33 10.42
N GLU A 154 -20.21 -21.72 10.70
N GLU A 154 -20.22 -21.73 10.71
CA GLU A 154 -19.52 -22.72 9.87
CA GLU A 154 -19.51 -22.72 9.91
C GLU A 154 -20.21 -24.09 9.97
C GLU A 154 -20.22 -24.07 9.97
N ALA A 155 -20.67 -24.44 11.16
CA ALA A 155 -21.36 -25.70 11.38
C ALA A 155 -22.79 -25.67 10.82
N ILE A 156 -23.46 -24.54 10.98
CA ILE A 156 -24.82 -24.37 10.46
C ILE A 156 -24.82 -24.42 8.93
N THR A 157 -23.78 -23.86 8.33
CA THR A 157 -23.63 -23.91 6.87
C THR A 157 -23.63 -25.36 6.41
N VAL A 158 -22.79 -26.17 7.07
CA VAL A 158 -22.68 -27.60 6.78
C VAL A 158 -23.98 -28.33 7.10
N GLN A 159 -24.68 -27.85 8.13
CA GLN A 159 -25.94 -28.46 8.50
C GLN A 159 -26.99 -28.22 7.42
N ILE A 160 -27.10 -26.97 6.98
CA ILE A 160 -28.05 -26.57 5.93
C ILE A 160 -27.87 -27.38 4.65
N ILE A 161 -26.62 -27.62 4.29
CA ILE A 161 -26.27 -28.35 3.08
C ILE A 161 -26.53 -29.86 3.16
N THR A 162 -26.48 -30.41 4.37
CA THR A 162 -26.60 -31.86 4.56
C THR A 162 -27.93 -32.36 5.12
N SER A 163 -28.76 -31.47 5.64
CA SER A 163 -30.05 -31.91 6.17
C SER A 163 -31.22 -31.70 5.21
N PRO A 164 -31.92 -32.81 4.89
CA PRO A 164 -33.05 -32.96 3.99
C PRO A 164 -34.20 -31.95 4.08
N GLU A 165 -34.38 -31.31 5.23
CA GLU A 165 -35.47 -30.36 5.42
C GLU A 165 -35.19 -29.01 4.76
N THR A 166 -34.09 -28.95 4.03
CA THR A 166 -33.64 -27.72 3.40
C THR A 166 -33.83 -27.72 1.88
N GLU A 167 -34.15 -26.55 1.31
CA GLU A 167 -34.29 -26.44 -0.13
C GLU A 167 -32.93 -26.62 -0.79
N VAL A 168 -31.88 -26.12 -0.14
CA VAL A 168 -30.51 -26.29 -0.62
C VAL A 168 -30.17 -27.77 -0.77
N TYR A 169 -30.45 -28.56 0.27
CA TYR A 169 -30.20 -29.99 0.23
C TYR A 169 -30.98 -30.65 -0.89
N GLN A 170 -32.26 -30.33 -1.00
CA GLN A 170 -33.11 -30.93 -2.03
C GLN A 170 -32.57 -30.65 -3.42
N ILE A 171 -32.05 -29.45 -3.62
CA ILE A 171 -31.45 -29.07 -4.89
C ILE A 171 -30.17 -29.86 -5.15
N LEU A 172 -29.28 -29.88 -4.16
CA LEU A 172 -28.02 -30.60 -4.27
C LEU A 172 -28.21 -32.10 -4.49
N ASN A 173 -29.14 -32.68 -3.76
CA ASN A 173 -29.47 -34.10 -3.85
C ASN A 173 -29.88 -34.53 -5.27
N ARG A 174 -30.43 -33.60 -6.04
N ARG A 174 -30.41 -33.59 -6.04
CA ARG A 174 -30.85 -33.86 -7.42
CA ARG A 174 -30.85 -33.85 -7.41
C ARG A 174 -29.65 -33.98 -8.36
C ARG A 174 -29.66 -33.95 -8.37
N VAL A 175 -28.50 -33.45 -7.94
CA VAL A 175 -27.27 -33.53 -8.74
C VAL A 175 -26.79 -34.98 -8.66
N SER A 176 -26.79 -35.50 -7.43
CA SER A 176 -26.46 -36.89 -7.11
C SER A 176 -26.69 -37.08 -5.61
N ALA A 177 -27.04 -38.30 -5.22
CA ALA A 177 -27.30 -38.62 -3.83
C ALA A 177 -26.17 -38.23 -2.88
N ASP A 178 -24.93 -38.43 -3.32
CA ASP A 178 -23.77 -38.12 -2.48
C ASP A 178 -23.25 -36.69 -2.65
N PHE A 179 -23.94 -35.87 -3.44
CA PHE A 179 -23.47 -34.50 -3.71
C PHE A 179 -23.52 -33.56 -2.51
N PRO A 180 -24.61 -33.60 -1.72
CA PRO A 180 -24.66 -32.73 -0.55
C PRO A 180 -23.47 -32.97 0.40
N GLU A 181 -23.08 -34.22 0.58
CA GLU A 181 -21.92 -34.52 1.44
C GLU A 181 -20.64 -33.94 0.86
N LYS A 182 -20.47 -34.07 -0.44
CA LYS A 182 -19.26 -33.59 -1.11
C LYS A 182 -19.12 -32.07 -1.08
N VAL A 183 -20.23 -31.35 -1.25
CA VAL A 183 -20.20 -29.90 -1.19
C VAL A 183 -19.78 -29.46 0.21
N ALA A 184 -20.33 -30.12 1.21
CA ALA A 184 -20.02 -29.83 2.60
C ALA A 184 -18.55 -30.09 2.91
N SER A 185 -18.01 -31.15 2.30
CA SER A 185 -16.62 -31.53 2.51
C SER A 185 -15.65 -30.51 1.92
N VAL A 186 -16.12 -29.72 0.96
CA VAL A 186 -15.30 -28.67 0.38
C VAL A 186 -15.17 -27.54 1.40
N ILE A 187 -16.30 -27.23 2.04
CA ILE A 187 -16.37 -26.18 3.04
C ILE A 187 -15.56 -26.49 4.31
N THR A 188 -15.49 -27.78 4.66
CA THR A 188 -14.74 -28.20 5.86
C THR A 188 -13.29 -28.58 5.56
N LYS A 189 -12.82 -28.23 4.36
CA LYS A 189 -11.45 -28.54 3.91
C LYS A 189 -11.12 -30.04 3.89
N GLN A 190 -12.10 -30.89 3.63
CA GLN A 190 -11.84 -32.33 3.62
C GLN A 190 -11.99 -32.96 2.25
N TYR A 191 -12.30 -32.15 1.24
CA TYR A 191 -12.48 -32.63 -0.12
C TYR A 191 -11.12 -32.99 -0.72
N PRO A 192 -11.01 -34.20 -1.30
CA PRO A 192 -9.78 -34.77 -1.89
C PRO A 192 -9.01 -33.90 -2.89
N ASN A 193 -9.64 -32.86 -3.42
CA ASN A 193 -8.96 -31.98 -4.38
C ASN A 193 -8.63 -30.62 -3.75
N PRO A 194 -7.33 -30.36 -3.52
CA PRO A 194 -6.83 -29.13 -2.92
C PRO A 194 -7.08 -27.87 -3.76
N GLN A 195 -7.12 -28.02 -5.08
CA GLN A 195 -7.36 -26.89 -5.97
C GLN A 195 -8.75 -26.32 -5.70
N VAL A 196 -9.69 -27.21 -5.42
CA VAL A 196 -11.05 -26.80 -5.13
C VAL A 196 -11.11 -26.14 -3.75
N VAL A 197 -10.58 -26.81 -2.74
CA VAL A 197 -10.59 -26.31 -1.37
C VAL A 197 -9.97 -24.92 -1.21
N GLN A 198 -8.77 -24.74 -1.75
CA GLN A 198 -8.04 -23.48 -1.64
C GLN A 198 -8.66 -22.32 -2.43
N MET A 199 -9.47 -22.64 -3.43
CA MET A 199 -10.11 -21.60 -4.24
C MET A 199 -11.20 -20.91 -3.43
N ILE A 200 -11.69 -21.61 -2.41
CA ILE A 200 -12.75 -21.13 -1.54
C ILE A 200 -12.24 -20.76 -0.16
N SER A 201 -11.16 -21.43 0.27
CA SER A 201 -10.59 -21.14 1.58
C SER A 201 -9.07 -21.30 1.66
N SER A 202 -8.38 -20.17 1.77
CA SER A 202 -6.93 -20.14 1.88
C SER A 202 -6.56 -18.77 2.43
N GLN A 203 -5.38 -18.27 2.09
CA GLN A 203 -4.96 -16.95 2.54
C GLN A 203 -5.20 -15.90 1.47
N ILE A 204 -5.64 -16.37 0.30
CA ILE A 204 -5.93 -15.50 -0.83
C ILE A 204 -7.01 -16.16 -1.70
N ASP A 205 -8.18 -16.36 -1.10
CA ASP A 205 -9.27 -17.04 -1.78
C ASP A 205 -10.30 -16.09 -2.38
N ALA A 206 -11.26 -16.65 -3.09
CA ALA A 206 -12.32 -15.88 -3.73
C ALA A 206 -13.17 -15.16 -2.70
N ASP A 207 -13.35 -15.80 -1.55
CA ASP A 207 -14.15 -15.23 -0.46
C ASP A 207 -13.53 -13.93 0.05
N ARG A 208 -12.26 -14.01 0.43
CA ARG A 208 -11.52 -12.85 0.93
C ARG A 208 -11.38 -11.75 -0.10
N MET A 209 -11.11 -12.14 -1.35
CA MET A 209 -10.93 -11.16 -2.40
C MET A 209 -12.21 -10.39 -2.65
N ASP A 210 -13.34 -11.06 -2.48
CA ASP A 210 -14.61 -10.40 -2.69
C ASP A 210 -14.96 -9.42 -1.58
N TYR A 211 -14.91 -9.86 -0.32
CA TYR A 211 -15.34 -8.94 0.75
C TYR A 211 -14.41 -7.76 0.96
N LEU A 212 -13.14 -7.92 0.62
CA LEU A 212 -12.20 -6.81 0.73
C LEU A 212 -12.59 -5.75 -0.29
N LEU A 213 -12.86 -6.18 -1.52
CA LEU A 213 -13.25 -5.26 -2.59
C LEU A 213 -14.62 -4.68 -2.37
N ARG A 214 -15.54 -5.53 -1.94
CA ARG A 214 -16.93 -5.12 -1.70
C ARG A 214 -17.08 -4.19 -0.51
N ASP A 215 -16.44 -4.52 0.61
CA ASP A 215 -16.52 -3.66 1.79
C ASP A 215 -15.79 -2.34 1.52
N ALA A 216 -14.72 -2.39 0.73
CA ALA A 216 -13.97 -1.18 0.40
C ALA A 216 -14.83 -0.17 -0.37
N TYR A 217 -15.56 -0.69 -1.35
CA TYR A 217 -16.43 0.14 -2.17
C TYR A 217 -17.54 0.80 -1.35
N PHE A 218 -18.30 0.00 -0.63
CA PHE A 218 -19.44 0.50 0.14
C PHE A 218 -19.09 1.41 1.29
N THR A 219 -17.95 1.18 1.94
CA THR A 219 -17.55 2.03 3.05
C THR A 219 -16.78 3.22 2.53
N GLY A 220 -16.40 3.18 1.26
CA GLY A 220 -15.64 4.26 0.64
C GLY A 220 -14.18 4.30 1.06
N THR A 221 -13.66 3.17 1.52
CA THR A 221 -12.26 3.09 1.92
C THR A 221 -11.44 2.88 0.65
N GLU A 222 -10.91 3.97 0.13
CA GLU A 222 -10.16 3.96 -1.12
C GLU A 222 -8.96 3.00 -1.07
N TYR A 223 -8.19 3.05 0.00
CA TYR A 223 -6.99 2.20 0.14
C TYR A 223 -7.27 0.70 0.32
N GLY A 224 -8.54 0.33 0.39
CA GLY A 224 -8.92 -1.07 0.57
C GLY A 224 -9.07 -1.82 -0.74
N THR A 225 -9.08 -1.09 -1.85
CA THR A 225 -9.24 -1.68 -3.16
C THR A 225 -7.90 -2.05 -3.78
N PHE A 226 -7.82 -3.28 -4.27
CA PHE A 226 -6.62 -3.78 -4.94
C PHE A 226 -7.06 -4.20 -6.33
N ASP A 227 -6.12 -4.36 -7.25
CA ASP A 227 -6.48 -4.76 -8.61
C ASP A 227 -6.69 -6.26 -8.70
N LEU A 228 -7.93 -6.67 -8.91
CA LEU A 228 -8.28 -8.07 -9.02
C LEU A 228 -7.78 -8.68 -10.34
N THR A 229 -7.81 -7.89 -11.41
CA THR A 229 -7.38 -8.36 -12.72
C THR A 229 -5.93 -8.86 -12.76
N ARG A 230 -5.03 -8.19 -12.05
CA ARG A 230 -3.62 -8.59 -12.02
C ARG A 230 -3.47 -9.95 -11.35
N ILE A 231 -4.16 -10.11 -10.23
CA ILE A 231 -4.13 -11.36 -9.47
C ILE A 231 -4.69 -12.50 -10.31
N LEU A 232 -5.76 -12.22 -11.05
CA LEU A 232 -6.37 -13.21 -11.94
C LEU A 232 -5.44 -13.54 -13.11
N ARG A 233 -4.62 -12.57 -13.48
CA ARG A 233 -3.67 -12.73 -14.57
C ARG A 233 -2.58 -13.74 -14.19
N VAL A 234 -2.28 -13.83 -12.90
CA VAL A 234 -1.22 -14.73 -12.43
C VAL A 234 -1.67 -15.96 -11.65
N ILE A 235 -2.96 -16.05 -11.33
CA ILE A 235 -3.48 -17.19 -10.58
C ILE A 235 -3.32 -18.48 -11.41
N ARG A 236 -2.96 -19.57 -10.73
CA ARG A 236 -2.68 -20.83 -11.42
C ARG A 236 -2.84 -22.03 -10.50
N PRO A 237 -3.31 -23.17 -11.05
CA PRO A 237 -3.40 -24.37 -10.22
C PRO A 237 -2.12 -25.20 -10.30
N TYR A 238 -1.96 -26.14 -9.38
CA TYR A 238 -0.82 -27.05 -9.39
C TYR A 238 -1.18 -28.27 -8.54
N LYS A 239 -0.29 -29.25 -8.50
CA LYS A 239 -0.50 -30.49 -7.75
C LYS A 239 -1.14 -30.27 -6.38
N GLY A 240 -0.50 -29.43 -5.56
CA GLY A 240 -0.98 -29.17 -4.20
C GLY A 240 -2.02 -28.09 -3.99
N GLY A 241 -2.48 -27.45 -5.07
CA GLY A 241 -3.53 -26.42 -4.93
C GLY A 241 -3.50 -25.25 -5.89
N ILE A 242 -3.37 -24.05 -5.33
CA ILE A 242 -3.38 -22.81 -6.09
C ILE A 242 -2.11 -21.98 -5.88
N ALA A 243 -1.45 -21.64 -6.98
CA ALA A 243 -0.24 -20.84 -6.94
C ALA A 243 -0.37 -19.59 -7.80
N PHE A 244 0.62 -18.71 -7.71
CA PHE A 244 0.62 -17.47 -8.48
C PHE A 244 1.95 -17.28 -9.18
N ALA A 245 1.90 -16.90 -10.45
CA ALA A 245 3.12 -16.65 -11.22
C ALA A 245 3.99 -15.66 -10.45
N MET A 246 5.27 -15.99 -10.35
CA MET A 246 6.24 -15.22 -9.57
C MET A 246 6.18 -13.72 -9.87
N ASN A 247 6.14 -13.36 -11.16
CA ASN A 247 6.12 -11.96 -11.58
C ASN A 247 4.97 -11.12 -11.01
N GLY A 248 3.89 -11.80 -10.61
CA GLY A 248 2.73 -11.11 -10.05
C GLY A 248 2.88 -10.89 -8.55
N MET A 249 4.10 -11.04 -8.05
CA MET A 249 4.39 -10.86 -6.63
C MET A 249 3.82 -9.57 -6.05
N HIS A 250 4.08 -8.45 -6.74
CA HIS A 250 3.64 -7.14 -6.25
C HIS A 250 2.13 -6.96 -6.29
N ALA A 251 1.46 -7.67 -7.20
CA ALA A 251 0.00 -7.63 -7.26
C ALA A 251 -0.55 -8.36 -6.04
N VAL A 252 0.17 -9.38 -5.59
CA VAL A 252 -0.21 -10.14 -4.40
C VAL A 252 0.12 -9.29 -3.17
N GLU A 253 1.22 -8.54 -3.25
CA GLU A 253 1.64 -7.63 -2.17
C GLU A 253 0.59 -6.54 -1.99
N ASP A 254 0.07 -6.04 -3.10
CA ASP A 254 -0.92 -4.98 -3.10
C ASP A 254 -2.19 -5.50 -2.40
N TYR A 255 -2.46 -6.79 -2.58
CA TYR A 255 -3.57 -7.46 -1.92
C TYR A 255 -3.34 -7.51 -0.41
N ILE A 256 -2.12 -7.84 0.01
CA ILE A 256 -1.78 -7.88 1.44
C ILE A 256 -1.97 -6.52 2.10
N VAL A 257 -1.46 -5.47 1.47
CA VAL A 257 -1.57 -4.11 2.00
C VAL A 257 -3.03 -3.67 2.09
N SER A 258 -3.82 -3.98 1.06
CA SER A 258 -5.24 -3.65 1.08
C SER A 258 -5.96 -4.39 2.19
N ARG A 259 -5.51 -5.61 2.48
CA ARG A 259 -6.13 -6.40 3.53
C ARG A 259 -5.85 -5.68 4.84
N TYR A 260 -4.59 -5.28 5.02
CA TYR A 260 -4.16 -4.54 6.19
C TYR A 260 -4.98 -3.26 6.36
N GLN A 261 -5.22 -2.54 5.26
CA GLN A 261 -5.95 -1.28 5.32
C GLN A 261 -7.41 -1.45 5.74
N MET A 262 -8.06 -2.52 5.27
CA MET A 262 -9.44 -2.79 5.63
C MET A 262 -9.56 -3.15 7.11
N TYR A 263 -8.57 -3.88 7.61
CA TYR A 263 -8.50 -4.28 9.01
C TYR A 263 -8.46 -3.07 9.96
N VAL A 264 -7.62 -2.09 9.65
CA VAL A 264 -7.47 -0.93 10.53
C VAL A 264 -8.53 0.16 10.34
N GLN A 265 -8.98 0.38 9.10
CA GLN A 265 -9.92 1.46 8.87
C GLN A 265 -11.38 1.03 8.99
N VAL A 266 -11.63 -0.27 8.89
CA VAL A 266 -13.00 -0.77 8.91
C VAL A 266 -13.31 -1.84 9.95
N TYR A 267 -12.56 -2.94 9.92
CA TYR A 267 -12.84 -4.07 10.81
C TYR A 267 -12.49 -3.84 12.28
N PHE A 268 -11.22 -3.56 12.58
CA PHE A 268 -10.81 -3.30 13.96
C PHE A 268 -10.90 -1.81 14.28
N HIS A 269 -11.73 -1.09 13.55
CA HIS A 269 -11.90 0.33 13.75
C HIS A 269 -12.66 0.55 15.07
N PRO A 270 -12.15 1.45 15.92
CA PRO A 270 -12.68 1.77 17.25
C PRO A 270 -14.19 1.98 17.32
N VAL A 271 -14.74 2.86 16.49
CA VAL A 271 -16.17 3.14 16.56
C VAL A 271 -17.05 1.98 16.09
N SER A 272 -16.51 1.11 15.25
CA SER A 272 -17.25 -0.07 14.82
C SER A 272 -17.22 -1.08 15.95
N ARG A 273 -16.11 -1.12 16.69
CA ARG A 273 -16.00 -2.01 17.84
C ARG A 273 -16.86 -1.54 19.01
N GLY A 274 -17.04 -0.22 19.12
CA GLY A 274 -17.89 0.34 20.16
C GLY A 274 -19.34 -0.03 19.88
N MET A 275 -19.65 -0.25 18.61
CA MET A 275 -20.98 -0.66 18.18
C MET A 275 -21.28 -2.11 18.54
N GLU A 276 -20.27 -2.96 18.46
N GLU A 276 -20.25 -2.95 18.45
CA GLU A 276 -20.43 -4.38 18.79
CA GLU A 276 -20.36 -4.37 18.78
C GLU A 276 -20.72 -4.53 20.27
C GLU A 276 -20.71 -4.52 20.26
N VAL A 277 -20.02 -3.74 21.09
CA VAL A 277 -20.21 -3.77 22.54
C VAL A 277 -21.66 -3.46 22.93
N ILE A 278 -22.22 -2.41 22.34
CA ILE A 278 -23.60 -2.02 22.62
C ILE A 278 -24.61 -3.11 22.26
N LEU A 279 -24.45 -3.71 21.09
CA LEU A 279 -25.35 -4.79 20.68
C LEU A 279 -25.20 -5.98 21.62
N ASP A 280 -23.96 -6.33 21.92
CA ASP A 280 -23.66 -7.44 22.82
C ASP A 280 -24.36 -7.24 24.16
N HIS A 281 -24.18 -6.05 24.72
CA HIS A 281 -24.77 -5.69 25.99
C HIS A 281 -26.29 -5.65 25.94
N LEU A 282 -26.84 -5.24 24.81
CA LEU A 282 -28.29 -5.18 24.61
C LEU A 282 -28.92 -6.58 24.64
N LEU A 283 -28.32 -7.51 23.91
CA LEU A 283 -28.80 -8.89 23.87
C LEU A 283 -28.60 -9.60 25.21
N HIS A 284 -27.47 -9.33 25.86
CA HIS A 284 -27.20 -9.89 27.19
C HIS A 284 -28.30 -9.48 28.15
N ARG A 285 -28.61 -8.19 28.17
CA ARG A 285 -29.62 -7.64 29.05
C ARG A 285 -30.97 -8.27 28.76
N ALA A 286 -31.26 -8.46 27.47
CA ALA A 286 -32.52 -9.07 27.03
C ALA A 286 -32.66 -10.49 27.55
N LYS A 287 -31.56 -11.25 27.52
CA LYS A 287 -31.54 -12.63 27.97
C LYS A 287 -31.69 -12.72 29.48
N GLU A 288 -31.08 -11.78 30.20
CA GLU A 288 -31.14 -11.76 31.67
C GLU A 288 -32.53 -11.43 32.20
N LEU A 289 -33.22 -10.54 31.49
CA LEU A 289 -34.57 -10.14 31.88
C LEU A 289 -35.55 -11.28 31.63
N PHE A 290 -35.30 -12.03 30.57
CA PHE A 290 -36.13 -13.18 30.20
C PHE A 290 -36.03 -14.32 31.20
N GLU A 291 -34.83 -14.54 31.73
CA GLU A 291 -34.58 -15.62 32.68
C GLU A 291 -34.96 -15.25 34.11
N ASN A 292 -35.33 -13.98 34.30
CA ASN A 292 -35.67 -13.46 35.61
C ASN A 292 -37.18 -13.45 35.83
N PRO A 293 -37.64 -14.11 36.91
CA PRO A 293 -39.04 -14.21 37.32
C PRO A 293 -39.86 -12.95 37.01
N GLU A 294 -39.49 -11.81 37.60
CA GLU A 294 -40.20 -10.55 37.37
C GLU A 294 -39.32 -9.31 37.19
N PHE A 295 -38.69 -9.21 36.02
CA PHE A 295 -37.88 -8.04 35.66
C PHE A 295 -38.33 -7.43 34.34
N ASP A 296 -39.15 -8.17 33.59
CA ASP A 296 -39.72 -7.73 32.31
C ASP A 296 -40.87 -8.60 31.80
N TYR A 297 -42.09 -8.25 32.24
CA TYR A 297 -43.34 -8.91 31.86
C TYR A 297 -43.26 -9.81 30.62
N ASP A 298 -43.00 -9.19 29.47
CA ASP A 298 -42.91 -9.88 28.19
C ASP A 298 -42.39 -8.87 27.17
N LEU A 299 -41.19 -9.12 26.66
CA LEU A 299 -40.56 -8.21 25.70
C LEU A 299 -41.00 -8.37 24.23
N GLN A 300 -41.96 -9.26 24.00
CA GLN A 300 -42.51 -9.51 22.65
C GLN A 300 -41.45 -9.70 21.56
N ALA A 301 -40.71 -10.79 21.66
CA ALA A 301 -39.68 -11.13 20.69
C ALA A 301 -39.75 -12.62 20.40
N SER A 302 -40.95 -13.07 20.04
CA SER A 302 -41.24 -14.49 19.79
C SER A 302 -40.18 -15.29 19.04
N LEU A 303 -39.56 -14.69 18.04
CA LEU A 303 -38.54 -15.40 17.27
C LEU A 303 -37.21 -15.57 18.03
N LEU A 304 -37.00 -14.77 19.06
CA LEU A 304 -35.79 -14.87 19.89
C LEU A 304 -35.98 -15.81 21.09
N VAL A 305 -37.23 -16.08 21.46
CA VAL A 305 -37.55 -16.95 22.59
C VAL A 305 -36.81 -18.29 22.60
N PRO A 306 -36.81 -19.04 21.47
CA PRO A 306 -36.10 -20.32 21.50
C PRO A 306 -34.62 -20.15 21.80
N PHE A 307 -34.05 -19.01 21.41
CA PHE A 307 -32.65 -18.72 21.63
C PHE A 307 -32.38 -18.30 23.08
N PHE A 308 -33.28 -17.52 23.66
CA PHE A 308 -33.14 -17.15 25.07
C PHE A 308 -33.20 -18.41 25.92
N LYS A 309 -34.08 -19.33 25.55
CA LYS A 309 -34.25 -20.60 26.26
C LYS A 309 -33.11 -21.57 26.02
N GLY A 310 -32.40 -21.38 24.92
CA GLY A 310 -31.29 -22.26 24.59
C GLY A 310 -31.79 -23.61 24.08
N ASP A 311 -32.89 -23.57 23.35
CA ASP A 311 -33.48 -24.77 22.76
C ASP A 311 -33.98 -24.37 21.38
N PHE A 312 -33.06 -24.16 20.45
CA PHE A 312 -33.44 -23.71 19.12
C PHE A 312 -33.34 -24.77 18.02
N THR A 313 -34.21 -24.60 17.04
CA THR A 313 -34.32 -25.50 15.90
C THR A 313 -33.70 -24.85 14.68
N LEU A 314 -33.36 -25.64 13.67
CA LEU A 314 -32.81 -25.11 12.43
C LEU A 314 -33.81 -24.16 11.80
N GLN A 315 -35.08 -24.58 11.70
CA GLN A 315 -36.14 -23.74 11.13
C GLN A 315 -36.30 -22.43 11.90
N GLU A 316 -36.13 -22.49 13.20
CA GLU A 316 -36.22 -21.32 14.06
C GLU A 316 -35.05 -20.39 13.78
N TYR A 317 -33.89 -20.97 13.49
CA TYR A 317 -32.69 -20.20 13.18
C TYR A 317 -32.83 -19.54 11.81
N LEU A 318 -33.46 -20.23 10.86
CA LEU A 318 -33.66 -19.70 9.51
C LEU A 318 -34.69 -18.57 9.43
N LYS A 319 -35.53 -18.43 10.45
CA LYS A 319 -36.51 -17.35 10.49
C LYS A 319 -35.90 -16.03 10.92
N LEU A 320 -34.65 -16.05 11.39
CA LEU A 320 -33.98 -14.84 11.85
C LEU A 320 -33.19 -14.09 10.78
N ASP A 321 -33.29 -12.77 10.81
CA ASP A 321 -32.55 -11.89 9.92
C ASP A 321 -32.46 -10.51 10.55
N ASP A 322 -31.67 -9.62 9.95
CA ASP A 322 -31.46 -8.26 10.47
C ASP A 322 -32.75 -7.47 10.70
N GLY A 323 -33.68 -7.53 9.76
CA GLY A 323 -34.96 -6.82 9.87
C GLY A 323 -35.77 -7.28 11.07
N VAL A 324 -35.77 -8.59 11.31
CA VAL A 324 -36.50 -9.18 12.43
C VAL A 324 -35.99 -8.67 13.77
N LEU A 325 -34.67 -8.62 13.93
CA LEU A 325 -34.06 -8.14 15.17
C LEU A 325 -34.19 -6.64 15.36
N SER A 326 -34.11 -5.89 14.26
CA SER A 326 -34.23 -4.44 14.30
C SER A 326 -35.61 -4.04 14.81
N THR A 327 -36.61 -4.84 14.43
CA THR A 327 -37.97 -4.62 14.86
C THR A 327 -38.06 -4.78 16.38
N TYR A 328 -37.42 -5.82 16.90
CA TYR A 328 -37.46 -6.06 18.35
C TYR A 328 -36.73 -4.98 19.13
N PHE A 329 -35.58 -4.55 18.64
CA PHE A 329 -34.81 -3.50 19.30
C PHE A 329 -35.58 -2.20 19.39
N THR A 330 -36.29 -1.85 18.31
CA THR A 330 -37.12 -0.64 18.28
C THR A 330 -38.21 -0.74 19.33
N GLN A 331 -38.76 -1.95 19.50
CA GLN A 331 -39.81 -2.18 20.49
C GLN A 331 -39.28 -2.18 21.92
N TRP A 332 -37.99 -2.45 22.10
CA TRP A 332 -37.44 -2.48 23.46
C TRP A 332 -37.18 -1.12 24.10
N MET A 333 -37.50 -0.04 23.40
CA MET A 333 -37.33 1.30 23.97
C MET A 333 -38.44 1.61 24.96
N ASP A 334 -39.58 0.93 24.82
CA ASP A 334 -40.73 1.09 25.72
C ASP A 334 -40.64 0.22 26.96
N VAL A 335 -39.86 -0.86 26.84
CA VAL A 335 -39.71 -1.81 27.93
C VAL A 335 -39.24 -1.14 29.23
N PRO A 336 -40.03 -1.26 30.30
CA PRO A 336 -39.78 -0.69 31.63
C PRO A 336 -38.49 -1.17 32.29
N ASP A 337 -37.38 -0.89 31.64
CA ASP A 337 -36.05 -1.21 32.16
C ASP A 337 -35.11 -0.18 31.56
N SER A 338 -34.63 0.74 32.38
CA SER A 338 -33.75 1.81 31.91
C SER A 338 -32.58 1.29 31.08
N ILE A 339 -31.85 0.32 31.61
CA ILE A 339 -30.68 -0.24 30.92
C ILE A 339 -31.00 -0.76 29.53
N LEU A 340 -32.00 -1.64 29.41
CA LEU A 340 -32.38 -2.21 28.11
C LEU A 340 -32.89 -1.14 27.16
N GLY A 341 -33.74 -0.26 27.67
CA GLY A 341 -34.33 0.81 26.87
C GLY A 341 -33.31 1.80 26.35
N ASP A 342 -32.31 2.10 27.17
CA ASP A 342 -31.27 3.05 26.78
C ASP A 342 -30.33 2.44 25.75
N LEU A 343 -30.00 1.16 25.91
CA LEU A 343 -29.11 0.48 24.97
C LEU A 343 -29.74 0.32 23.59
N ALA A 344 -31.05 0.08 23.55
CA ALA A 344 -31.76 -0.04 22.29
C ALA A 344 -31.77 1.32 21.60
N LYS A 345 -31.85 2.39 22.40
CA LYS A 345 -31.83 3.74 21.88
C LYS A 345 -30.47 4.02 21.27
N ARG A 346 -29.40 3.68 21.99
CA ARG A 346 -28.04 3.93 21.53
C ARG A 346 -27.72 3.11 20.28
N PHE A 347 -28.29 1.91 20.18
CA PHE A 347 -28.05 1.05 19.02
C PHE A 347 -28.77 1.57 17.77
N LEU A 348 -30.00 2.03 17.93
CA LEU A 348 -30.78 2.55 16.81
C LEU A 348 -30.40 3.96 16.38
N MET A 349 -29.84 4.74 17.29
CA MET A 349 -29.35 6.08 16.97
C MET A 349 -27.94 5.99 16.43
N ARG A 350 -27.44 4.76 16.32
CA ARG A 350 -26.10 4.51 15.82
C ARG A 350 -25.01 5.31 16.53
N LYS A 351 -25.06 5.34 17.85
CA LYS A 351 -24.02 6.02 18.61
C LYS A 351 -23.31 5.02 19.53
N PRO A 352 -22.09 4.62 19.15
CA PRO A 352 -21.32 3.64 19.88
C PRO A 352 -20.66 4.22 21.13
N LEU A 353 -20.06 3.35 21.94
CA LEU A 353 -19.33 3.81 23.10
C LEU A 353 -18.00 4.36 22.62
N LYS A 354 -17.49 5.38 23.30
CA LYS A 354 -16.21 5.96 22.96
C LYS A 354 -15.16 5.09 23.66
N SER A 355 -13.91 5.15 23.20
CA SER A 355 -12.88 4.31 23.81
C SER A 355 -11.51 4.98 23.92
N ALA A 356 -10.61 4.29 24.62
CA ALA A 356 -9.24 4.74 24.83
C ALA A 356 -8.32 3.53 24.85
N THR A 357 -7.05 3.75 24.50
CA THR A 357 -6.08 2.65 24.46
C THR A 357 -5.21 2.60 25.71
N PHE A 358 -4.66 1.42 25.97
CA PHE A 358 -3.76 1.19 27.10
C PHE A 358 -2.93 -0.07 26.86
N THR A 359 -1.77 -0.15 27.50
CA THR A 359 -0.90 -1.32 27.32
C THR A 359 -0.93 -2.28 28.51
N ASN A 360 -0.64 -1.77 29.70
CA ASN A 360 -0.63 -2.61 30.90
C ASN A 360 -2.02 -3.05 31.36
N GLU A 361 -2.23 -4.36 31.39
CA GLU A 361 -3.50 -4.93 31.82
C GLU A 361 -3.60 -4.93 33.35
N LYS A 362 -2.47 -5.14 34.02
CA LYS A 362 -2.45 -5.18 35.50
C LYS A 362 -2.09 -3.83 36.12
N GLU A 363 -1.12 -3.12 35.54
CA GLU A 363 -0.70 -1.82 36.07
C GLU A 363 -1.78 -0.75 35.87
N SER A 364 -2.52 -0.85 34.77
CA SER A 364 -3.59 0.11 34.48
C SER A 364 -4.95 -0.40 34.95
N ALA A 365 -4.96 -1.54 35.64
CA ALA A 365 -6.19 -2.10 36.17
C ALA A 365 -6.74 -1.25 37.31
N ALA A 366 -5.86 -0.48 37.93
CA ALA A 366 -6.24 0.40 39.03
C ALA A 366 -6.94 1.64 38.46
N THR A 367 -6.42 2.17 37.37
CA THR A 367 -6.98 3.35 36.73
C THR A 367 -8.34 3.01 36.14
N ILE A 368 -8.43 1.86 35.47
CA ILE A 368 -9.68 1.39 34.88
C ILE A 368 -10.77 1.24 35.94
N ALA A 369 -10.47 0.51 37.00
CA ALA A 369 -11.42 0.30 38.10
C ALA A 369 -11.84 1.62 38.73
N TYR A 370 -10.90 2.56 38.84
CA TYR A 370 -11.18 3.86 39.43
C TYR A 370 -12.20 4.67 38.62
N LEU A 371 -11.91 4.89 37.34
CA LEU A 371 -12.82 5.65 36.50
C LEU A 371 -14.13 4.90 36.18
N ARG A 372 -14.22 3.65 36.61
CA ARG A 372 -15.47 2.89 36.47
C ARG A 372 -16.43 3.31 37.58
N GLU A 373 -15.87 3.76 38.70
CA GLU A 373 -16.66 4.23 39.83
C GLU A 373 -17.25 5.59 39.47
N LEU A 374 -16.48 6.37 38.71
CA LEU A 374 -16.90 7.69 38.26
C LEU A 374 -18.08 7.59 37.31
N ILE A 375 -18.11 6.50 36.54
CA ILE A 375 -19.18 6.23 35.60
C ILE A 375 -20.46 5.86 36.35
N GLU A 376 -20.30 5.24 37.53
CA GLU A 376 -21.44 4.89 38.37
C GLU A 376 -22.08 6.10 39.03
N LYS A 377 -21.23 6.97 39.59
CA LYS A 377 -21.71 8.18 40.26
C LYS A 377 -22.59 9.02 39.34
N VAL A 378 -22.22 9.08 38.07
CA VAL A 378 -22.98 9.83 37.08
C VAL A 378 -24.34 9.15 36.81
N GLY A 379 -24.33 7.83 36.70
CA GLY A 379 -25.57 7.09 36.49
C GLY A 379 -25.51 5.99 35.44
N PHE A 380 -24.31 5.47 35.19
CA PHE A 380 -24.14 4.40 34.22
C PHE A 380 -23.59 3.14 34.88
N ASN A 381 -24.33 2.04 34.75
CA ASN A 381 -23.90 0.76 35.28
C ASN A 381 -22.71 0.29 34.43
N PRO A 382 -21.52 0.17 35.04
CA PRO A 382 -20.29 -0.22 34.35
C PRO A 382 -20.38 -1.56 33.63
N LYS A 383 -21.26 -2.43 34.11
CA LYS A 383 -21.45 -3.74 33.50
C LYS A 383 -22.10 -3.61 32.12
N TYR A 384 -22.83 -2.52 31.91
CA TYR A 384 -23.53 -2.31 30.65
C TYR A 384 -23.05 -1.10 29.83
N TYR A 385 -22.31 -0.20 30.46
CA TYR A 385 -21.81 0.99 29.76
C TYR A 385 -20.29 1.04 29.73
N THR A 386 -19.66 -0.10 29.91
CA THR A 386 -18.21 -0.20 29.94
C THR A 386 -17.77 -1.58 29.44
N ALA A 387 -16.59 -1.64 28.85
CA ALA A 387 -16.07 -2.90 28.34
C ALA A 387 -14.56 -2.84 28.09
N ILE A 388 -13.94 -4.03 28.13
CA ILE A 388 -12.52 -4.17 27.85
C ILE A 388 -12.42 -5.15 26.68
N ASN A 389 -11.87 -4.68 25.57
CA ASN A 389 -11.80 -5.49 24.36
C ASN A 389 -10.41 -5.51 23.73
N SER A 390 -10.15 -6.55 22.95
CA SER A 390 -8.90 -6.74 22.24
C SER A 390 -9.07 -7.84 21.20
N SER A 391 -8.25 -7.80 20.15
CA SER A 391 -8.31 -8.82 19.10
C SER A 391 -7.08 -9.72 19.16
N LEU A 394 -7.18 -11.44 12.08
CA LEU A 394 -6.42 -12.59 11.62
C LEU A 394 -5.51 -12.17 10.46
N PRO A 395 -4.22 -11.94 10.76
CA PRO A 395 -3.23 -11.52 9.76
C PRO A 395 -2.56 -12.69 9.04
N TYR A 396 -1.66 -12.36 8.12
CA TYR A 396 -0.94 -13.38 7.36
C TYR A 396 0.39 -13.77 8.00
N ASP A 397 0.56 -15.05 8.26
CA ASP A 397 1.77 -15.60 8.90
C ASP A 397 2.14 -16.97 8.30
N PHE A 398 3.29 -17.05 7.65
CA PHE A 398 3.72 -18.33 7.05
C PHE A 398 3.84 -19.46 8.07
N TYR A 399 3.82 -20.71 7.59
CA TYR A 399 3.84 -21.91 8.43
C TYR A 399 4.77 -21.87 9.64
N ARG A 400 4.29 -22.45 10.75
CA ARG A 400 5.01 -22.47 12.01
C ARG A 400 5.73 -23.80 12.22
N ARG A 407 2.51 -25.29 4.90
CA ARG A 407 1.16 -25.75 5.19
C ARG A 407 0.17 -25.28 4.13
N THR A 408 -1.01 -24.86 4.60
CA THR A 408 -2.07 -24.36 3.73
C THR A 408 -2.40 -22.92 4.13
N GLN A 409 -1.61 -22.40 5.08
CA GLN A 409 -1.77 -21.05 5.58
C GLN A 409 -0.75 -20.11 4.95
N ILE A 410 -0.35 -20.43 3.72
CA ILE A 410 0.65 -19.65 3.00
C ILE A 410 0.26 -19.52 1.53
N GLU A 411 0.57 -18.39 0.90
CA GLU A 411 0.38 -18.29 -0.55
C GLU A 411 1.69 -18.63 -1.23
N LEU A 412 1.61 -19.51 -2.23
CA LEU A 412 2.78 -19.96 -2.95
C LEU A 412 2.90 -19.32 -4.33
N MET A 413 4.13 -19.14 -4.78
CA MET A 413 4.42 -18.54 -6.06
C MET A 413 5.29 -19.46 -6.91
N GLN A 414 4.96 -19.57 -8.19
CA GLN A 414 5.76 -20.40 -9.10
C GLN A 414 6.80 -19.62 -9.88
N LYS A 415 8.03 -20.11 -9.83
CA LYS A 415 9.10 -19.56 -10.62
C LYS A 415 9.11 -20.43 -11.87
N ASP A 416 10.24 -21.06 -12.14
CA ASP A 416 10.34 -21.96 -13.28
C ASP A 416 10.04 -23.39 -12.84
N GLY A 417 8.82 -23.58 -12.32
CA GLY A 417 8.36 -24.88 -11.84
C GLY A 417 8.20 -24.95 -10.34
N SER A 418 9.27 -24.58 -9.62
CA SER A 418 9.30 -24.64 -8.15
C SER A 418 8.37 -23.67 -7.43
N LEU A 419 8.18 -23.92 -6.13
CA LEU A 419 7.32 -23.09 -5.29
C LEU A 419 8.07 -22.46 -4.13
N VAL A 420 7.81 -21.18 -3.90
CA VAL A 420 8.39 -20.44 -2.80
C VAL A 420 7.26 -19.62 -2.19
N GLU A 421 7.29 -19.39 -0.89
CA GLU A 421 6.22 -18.64 -0.25
C GLU A 421 6.49 -17.12 -0.24
N LEU A 422 5.42 -16.35 -0.22
CA LEU A 422 5.45 -14.88 -0.28
C LEU A 422 6.45 -14.15 0.62
N ALA A 423 6.37 -14.35 1.93
CA ALA A 423 7.25 -13.66 2.89
C ALA A 423 8.73 -13.96 2.71
N THR A 424 9.05 -15.00 1.94
CA THR A 424 10.44 -15.37 1.70
C THR A 424 11.05 -14.48 0.61
N VAL A 425 10.19 -13.93 -0.26
CA VAL A 425 10.67 -13.10 -1.35
C VAL A 425 10.18 -11.64 -1.25
N SER A 426 9.25 -11.40 -0.33
CA SER A 426 8.72 -10.05 -0.15
C SER A 426 9.02 -9.48 1.22
N PRO A 427 10.04 -8.61 1.30
CA PRO A 427 10.41 -7.96 2.56
C PRO A 427 9.22 -7.23 3.21
N LEU A 428 8.31 -6.71 2.38
CA LEU A 428 7.12 -6.00 2.87
C LEU A 428 6.16 -6.92 3.61
N VAL A 429 5.90 -8.08 3.03
CA VAL A 429 5.00 -9.07 3.63
C VAL A 429 5.64 -9.67 4.89
N ALA A 430 6.94 -9.91 4.82
CA ALA A 430 7.68 -10.45 5.95
C ALA A 430 7.64 -9.48 7.13
N ALA A 431 7.60 -8.19 6.82
CA ALA A 431 7.55 -7.14 7.82
C ALA A 431 6.20 -7.13 8.52
N LEU A 432 5.13 -7.33 7.75
CA LEU A 432 3.77 -7.33 8.29
C LEU A 432 3.37 -8.64 8.96
N ALA A 433 4.15 -9.69 8.73
CA ALA A 433 3.88 -10.99 9.35
C ALA A 433 4.37 -10.97 10.79
N GLY A 434 5.55 -10.39 10.99
CA GLY A 434 6.14 -10.30 12.33
C GLY A 434 5.54 -9.17 13.15
N GLN A 435 4.70 -8.36 12.52
CA GLN A 435 4.06 -7.25 13.20
C GLN A 435 2.74 -7.70 13.82
N SER A 436 2.74 -7.86 15.14
CA SER A 436 1.54 -8.27 15.86
C SER A 436 1.14 -7.17 16.84
N GLN A 437 -0.11 -6.74 16.76
CA GLN A 437 -0.58 -5.66 17.61
C GLN A 437 -1.53 -6.11 18.73
N GLY A 438 -1.04 -5.97 19.97
CA GLY A 438 -1.84 -6.31 21.14
C GLY A 438 -2.65 -5.09 21.56
N ASP A 439 -3.60 -4.71 20.71
CA ASP A 439 -4.45 -3.55 20.95
C ASP A 439 -5.44 -3.85 22.08
N GLU A 440 -5.50 -2.95 23.06
CA GLU A 440 -6.39 -3.11 24.20
C GLU A 440 -7.24 -1.85 24.38
N ARG A 441 -8.54 -1.99 24.23
CA ARG A 441 -9.47 -0.88 24.34
C ARG A 441 -10.33 -0.89 25.59
N PHE A 442 -10.58 0.28 26.14
CA PHE A 442 -11.47 0.45 27.28
C PHE A 442 -12.65 1.31 26.84
N TYR A 443 -13.86 0.77 26.93
CA TYR A 443 -15.05 1.46 26.47
C TYR A 443 -15.83 2.16 27.56
N PHE A 444 -16.55 3.21 27.17
CA PHE A 444 -17.34 4.04 28.06
C PHE A 444 -18.23 4.95 27.21
N PRO A 445 -19.30 5.50 27.80
CA PRO A 445 -20.19 6.38 27.03
C PRO A 445 -19.52 7.69 26.63
N LYS A 446 -19.86 8.20 25.44
CA LYS A 446 -19.32 9.46 24.93
C LYS A 446 -19.69 10.62 25.85
N GLU A 447 -20.79 10.47 26.56
CA GLU A 447 -21.32 11.49 27.46
C GLU A 447 -20.42 11.74 28.68
N MET A 448 -19.35 10.95 28.80
CA MET A 448 -18.39 11.12 29.88
C MET A 448 -17.40 12.25 29.55
N LEU A 449 -17.29 12.56 28.27
CA LEU A 449 -16.38 13.60 27.81
C LEU A 449 -17.12 14.91 27.47
N ASP A 450 -18.25 15.13 28.12
CA ASP A 450 -19.04 16.35 27.91
C ASP A 450 -19.15 17.18 29.19
N PHE A 460 -22.03 18.40 40.18
CA PHE A 460 -22.56 17.38 39.29
C PHE A 460 -21.76 17.29 37.98
N ASP A 461 -20.88 18.27 37.77
CA ASP A 461 -20.02 18.31 36.58
C ASP A 461 -18.57 18.10 36.98
N GLU A 462 -18.34 17.99 38.28
CA GLU A 462 -17.00 17.79 38.83
C GLU A 462 -16.46 16.40 38.51
N THR A 463 -17.36 15.46 38.28
CA THR A 463 -17.00 14.09 37.96
C THR A 463 -16.57 13.97 36.49
N TYR A 464 -17.28 14.67 35.61
CA TYR A 464 -16.94 14.66 34.18
C TYR A 464 -15.57 15.28 33.96
N ARG A 465 -15.28 16.30 34.76
CA ARG A 465 -14.01 17.01 34.68
C ARG A 465 -12.90 16.10 35.20
N GLU A 466 -13.24 15.29 36.19
CA GLU A 466 -12.32 14.34 36.80
C GLU A 466 -12.04 13.16 35.86
N PHE A 467 -13.07 12.71 35.15
CA PHE A 467 -12.94 11.58 34.24
C PHE A 467 -12.10 11.88 32.99
N SER A 468 -12.46 12.94 32.27
CA SER A 468 -11.75 13.32 31.04
C SER A 468 -10.27 13.64 31.27
N SER A 469 -9.90 13.87 32.53
CA SER A 469 -8.53 14.19 32.91
C SER A 469 -7.58 13.01 32.73
N TYR A 470 -8.13 11.80 32.67
CA TYR A 470 -7.30 10.60 32.50
C TYR A 470 -7.28 10.08 31.06
N ILE A 471 -7.88 10.86 30.15
CA ILE A 471 -7.91 10.49 28.75
C ILE A 471 -7.46 11.65 27.86
N HIS A 472 -6.38 11.43 27.11
CA HIS A 472 -5.83 12.46 26.23
C HIS A 472 -5.58 11.88 24.84
N ASN A 473 -6.39 12.32 23.87
CA ASN A 473 -6.30 11.86 22.48
C ASN A 473 -6.63 10.38 22.28
N GLY A 474 -7.64 9.90 22.99
CA GLY A 474 -8.07 8.51 22.88
C GLY A 474 -7.08 7.54 23.50
N ALA A 475 -6.42 7.97 24.58
CA ALA A 475 -5.45 7.14 25.29
C ALA A 475 -5.45 7.46 26.77
N LEU A 476 -5.14 6.45 27.59
CA LEU A 476 -5.10 6.66 29.04
C LEU A 476 -3.83 7.37 29.49
N VAL A 477 -3.89 7.97 30.68
CA VAL A 477 -2.77 8.69 31.26
C VAL A 477 -2.18 7.93 32.44
N SER B 22 -0.99 51.41 -16.88
CA SER B 22 -0.79 52.43 -17.95
C SER B 22 0.27 53.46 -17.59
N ASN B 23 0.32 53.82 -16.31
CA ASN B 23 1.27 54.81 -15.82
C ASN B 23 2.54 54.13 -15.29
N ALA B 24 3.67 54.84 -15.34
CA ALA B 24 4.97 54.32 -14.89
C ALA B 24 5.02 53.97 -13.41
N MET B 25 5.84 52.97 -13.08
CA MET B 25 5.99 52.53 -11.69
C MET B 25 7.38 51.97 -11.41
N THR B 26 7.75 51.97 -10.14
CA THR B 26 9.01 51.40 -9.70
C THR B 26 8.66 50.10 -8.98
N ILE B 27 8.81 48.99 -9.67
CA ILE B 27 8.49 47.69 -9.09
C ILE B 27 9.74 46.86 -8.94
N PRO B 28 10.13 46.58 -7.68
CA PRO B 28 11.31 45.77 -7.36
C PRO B 28 11.19 44.39 -7.98
N TYR B 29 12.33 43.83 -8.39
CA TYR B 29 12.40 42.52 -9.03
C TYR B 29 11.70 41.42 -8.24
N LYS B 30 11.82 41.44 -6.91
CA LYS B 30 11.19 40.42 -6.07
C LYS B 30 9.67 40.54 -5.98
N GLU B 31 9.11 41.62 -6.51
CA GLU B 31 7.66 41.82 -6.47
C GLU B 31 7.05 41.82 -7.87
N GLN B 32 7.87 41.48 -8.88
CA GLN B 32 7.40 41.44 -10.26
C GLN B 32 6.61 40.18 -10.55
N ARG B 33 5.37 40.16 -10.09
CA ARG B 33 4.49 39.03 -10.35
C ARG B 33 4.07 39.14 -11.80
N LEU B 34 3.84 38.02 -12.46
CA LEU B 34 3.44 38.04 -13.86
C LEU B 34 1.98 38.46 -14.02
N PRO B 35 1.74 39.49 -14.83
CA PRO B 35 0.38 39.95 -15.10
C PRO B 35 -0.46 38.76 -15.56
N ILE B 36 0.05 38.05 -16.57
CA ILE B 36 -0.62 36.86 -17.06
C ILE B 36 0.24 35.64 -16.81
N GLU B 37 -0.31 34.70 -16.05
CA GLU B 37 0.33 33.45 -15.68
C GLU B 37 0.77 32.66 -16.91
N LYS B 38 1.97 32.06 -16.84
N LYS B 38 1.98 32.08 -16.85
CA LYS B 38 2.48 31.25 -17.93
CA LYS B 38 2.48 31.25 -17.92
C LYS B 38 2.39 29.78 -17.54
C LYS B 38 2.37 29.78 -17.52
N VAL B 39 1.77 28.97 -18.40
CA VAL B 39 1.54 27.56 -18.12
C VAL B 39 2.33 26.60 -19.02
N PHE B 40 2.78 25.49 -18.44
CA PHE B 40 3.54 24.48 -19.17
C PHE B 40 2.97 23.07 -18.98
N ARG B 41 2.82 22.34 -20.08
CA ARG B 41 2.29 20.98 -20.05
C ARG B 41 3.17 20.04 -19.25
N ASP B 42 2.53 19.13 -18.51
CA ASP B 42 3.22 18.16 -17.68
C ASP B 42 2.30 16.95 -17.48
N PRO B 43 2.73 15.75 -17.91
CA PRO B 43 1.91 14.55 -17.79
C PRO B 43 1.55 14.17 -16.35
N VAL B 44 2.42 14.49 -15.41
CA VAL B 44 2.19 14.15 -14.01
C VAL B 44 1.24 15.12 -13.30
N HIS B 45 1.53 16.41 -13.35
CA HIS B 45 0.68 17.40 -12.69
C HIS B 45 -0.13 18.17 -13.72
N ASN B 46 -0.19 17.63 -14.93
CA ASN B 46 -0.85 18.23 -16.11
C ASN B 46 -0.45 19.66 -16.51
N TYR B 47 -0.32 20.56 -15.54
CA TYR B 47 0.11 21.93 -15.85
C TYR B 47 1.05 22.52 -14.80
N ILE B 48 2.07 23.23 -15.27
CA ILE B 48 3.02 23.92 -14.40
C ILE B 48 2.68 25.40 -14.46
N HIS B 49 2.38 26.00 -13.32
CA HIS B 49 2.00 27.41 -13.27
C HIS B 49 3.14 28.30 -12.81
N VAL B 50 3.51 29.25 -13.67
CA VAL B 50 4.59 30.19 -13.38
C VAL B 50 3.98 31.58 -13.27
N GLN B 51 4.10 32.17 -12.08
CA GLN B 51 3.46 33.44 -11.79
C GLN B 51 4.43 34.58 -11.44
N HIS B 52 5.71 34.28 -11.34
CA HIS B 52 6.69 35.31 -10.98
C HIS B 52 7.76 35.46 -12.07
N GLN B 53 8.25 36.68 -12.25
CA GLN B 53 9.29 36.96 -13.23
C GLN B 53 10.60 36.27 -12.86
N VAL B 54 10.96 36.32 -11.59
CA VAL B 54 12.19 35.69 -11.11
C VAL B 54 12.19 34.20 -11.47
N ILE B 55 11.07 33.53 -11.19
CA ILE B 55 10.92 32.11 -11.51
C ILE B 55 11.04 31.85 -13.01
N LEU B 56 10.42 32.70 -13.82
CA LEU B 56 10.46 32.55 -15.27
C LEU B 56 11.88 32.71 -15.80
N ASP B 57 12.60 33.67 -15.23
CA ASP B 57 13.98 33.92 -15.62
C ASP B 57 14.87 32.74 -15.23
N LEU B 58 14.66 32.21 -14.03
CA LEU B 58 15.43 31.06 -13.56
C LEU B 58 15.22 29.85 -14.46
N ILE B 59 13.97 29.62 -14.86
CA ILE B 59 13.63 28.52 -15.77
C ILE B 59 14.34 28.66 -17.11
N ASN B 60 14.46 29.90 -17.60
CA ASN B 60 15.11 30.18 -18.87
C ASN B 60 16.63 30.35 -18.80
N SER B 61 17.20 30.29 -17.59
CA SER B 61 18.65 30.44 -17.43
C SER B 61 19.35 29.25 -18.05
N ALA B 62 20.60 29.44 -18.44
CA ALA B 62 21.39 28.39 -19.09
C ALA B 62 21.54 27.12 -18.26
N GLU B 63 22.09 27.25 -17.06
CA GLU B 63 22.36 26.09 -16.20
C GLU B 63 21.15 25.31 -15.67
N VAL B 64 19.96 25.87 -15.84
CA VAL B 64 18.73 25.17 -15.45
C VAL B 64 18.15 24.54 -16.71
N GLN B 65 18.40 25.18 -17.85
CA GLN B 65 17.98 24.69 -19.15
C GLN B 65 18.89 23.51 -19.50
N ARG B 66 20.05 23.49 -18.86
CA ARG B 66 21.04 22.44 -18.99
C ARG B 66 20.48 21.10 -18.53
N LEU B 67 19.51 21.17 -17.62
CA LEU B 67 18.87 19.97 -17.08
C LEU B 67 17.97 19.26 -18.10
N ARG B 68 17.63 19.95 -19.19
CA ARG B 68 16.82 19.36 -20.25
C ARG B 68 17.55 18.25 -20.97
N ARG B 69 18.87 18.34 -20.94
CA ARG B 69 19.75 17.40 -21.61
C ARG B 69 20.33 16.33 -20.68
N ILE B 70 19.78 16.24 -19.47
CA ILE B 70 20.20 15.24 -18.48
C ILE B 70 19.00 14.41 -18.04
N LYS B 71 19.05 13.11 -18.32
CA LYS B 71 17.96 12.20 -17.95
C LYS B 71 17.87 12.02 -16.44
N GLN B 72 16.64 12.08 -15.92
CA GLN B 72 16.39 11.86 -14.51
C GLN B 72 16.61 10.36 -14.27
N LEU B 73 17.06 10.00 -13.06
CA LEU B 73 17.35 8.61 -12.69
C LEU B 73 18.41 7.91 -13.57
N GLY B 74 19.31 8.70 -14.14
CA GLY B 74 20.43 8.23 -14.97
C GLY B 74 20.26 7.00 -15.83
N THR B 75 21.09 5.98 -15.57
CA THR B 75 21.09 4.72 -16.34
C THR B 75 19.85 3.84 -16.17
N SER B 76 19.06 4.09 -15.13
CA SER B 76 17.86 3.31 -14.89
C SER B 76 16.79 3.60 -15.94
N SER B 77 17.12 4.50 -16.86
CA SER B 77 16.21 4.87 -17.94
C SER B 77 16.32 3.85 -19.08
N PHE B 78 17.36 3.03 -19.00
CA PHE B 78 17.63 1.99 -19.99
C PHE B 78 16.88 0.71 -19.65
N THR B 79 16.39 0.63 -18.41
CA THR B 79 15.64 -0.52 -17.92
C THR B 79 14.22 -0.54 -18.50
N PHE B 80 13.65 0.65 -18.69
CA PHE B 80 12.28 0.77 -19.19
C PHE B 80 12.19 1.51 -20.51
N HIS B 81 11.21 1.13 -21.33
CA HIS B 81 10.99 1.76 -22.62
C HIS B 81 10.33 3.12 -22.46
N GLY B 82 11.06 4.17 -22.82
CA GLY B 82 10.54 5.53 -22.77
C GLY B 82 10.58 6.22 -21.41
N ALA B 83 11.56 5.84 -20.58
CA ALA B 83 11.71 6.46 -19.26
C ALA B 83 12.86 7.46 -19.32
N GLU B 84 12.92 8.22 -20.40
CA GLU B 84 14.00 9.18 -20.64
C GLU B 84 13.66 10.63 -20.27
N HIS B 85 12.88 10.80 -19.20
CA HIS B 85 12.50 12.13 -18.73
C HIS B 85 13.69 12.88 -18.13
N SER B 86 13.70 14.20 -18.34
CA SER B 86 14.82 15.04 -17.91
C SER B 86 14.76 15.50 -16.46
N ARG B 87 15.91 15.94 -15.94
CA ARG B 87 15.97 16.49 -14.60
C ARG B 87 15.28 17.86 -14.57
N PHE B 88 15.09 18.43 -15.76
CA PHE B 88 14.41 19.71 -15.92
C PHE B 88 12.94 19.53 -15.60
N SER B 89 12.32 18.53 -16.23
CA SER B 89 10.91 18.23 -16.01
C SER B 89 10.66 17.92 -14.53
N HIS B 90 11.64 17.26 -13.91
CA HIS B 90 11.57 16.95 -12.48
C HIS B 90 11.59 18.23 -11.68
N SER B 91 12.51 19.13 -12.04
CA SER B 91 12.65 20.41 -11.37
C SER B 91 11.40 21.28 -11.44
N LEU B 92 10.77 21.38 -12.61
CA LEU B 92 9.55 22.17 -12.72
C LEU B 92 8.43 21.52 -11.91
N GLY B 93 8.43 20.18 -11.91
CA GLY B 93 7.45 19.41 -11.15
C GLY B 93 7.58 19.66 -9.67
N VAL B 94 8.80 19.61 -9.15
CA VAL B 94 9.06 19.87 -7.74
C VAL B 94 8.56 21.27 -7.42
N TYR B 95 8.94 22.24 -8.25
CA TYR B 95 8.51 23.63 -8.11
C TYR B 95 6.99 23.73 -8.04
N GLU B 96 6.30 22.99 -8.92
CA GLU B 96 4.85 23.01 -8.99
C GLU B 96 4.17 22.47 -7.73
N ILE B 97 4.73 21.41 -7.15
CA ILE B 97 4.16 20.86 -5.93
C ILE B 97 4.38 21.86 -4.79
N THR B 98 5.56 22.46 -4.78
CA THR B 98 5.88 23.44 -3.76
C THR B 98 4.91 24.62 -3.79
N ARG B 99 4.60 25.14 -4.98
CA ARG B 99 3.67 26.27 -5.03
C ARG B 99 2.28 25.87 -4.57
N ARG B 100 1.83 24.66 -4.95
CA ARG B 100 0.52 24.21 -4.48
C ARG B 100 0.49 24.17 -2.96
N ILE B 101 1.59 23.72 -2.35
CA ILE B 101 1.70 23.65 -0.89
C ILE B 101 1.70 25.05 -0.29
N CYS B 102 2.50 25.95 -0.87
CA CYS B 102 2.54 27.33 -0.42
C CYS B 102 1.16 27.97 -0.48
N GLU B 103 0.41 27.64 -1.53
CA GLU B 103 -0.91 28.19 -1.74
C GLU B 103 -1.88 27.68 -0.66
N ILE B 104 -1.81 26.39 -0.33
CA ILE B 104 -2.64 25.79 0.71
C ILE B 104 -2.28 26.35 2.07
N PHE B 105 -1.00 26.61 2.26
CA PHE B 105 -0.48 27.19 3.49
C PHE B 105 -1.01 28.61 3.72
N GLN B 106 -1.03 29.39 2.65
N GLN B 106 -0.92 29.44 2.69
CA GLN B 106 -1.56 30.75 2.67
CA GLN B 106 -1.35 30.84 2.80
C GLN B 106 -3.08 30.74 2.91
C GLN B 106 -2.84 30.99 3.03
N ARG B 107 -3.79 30.07 2.01
N ARG B 107 -3.63 30.28 2.24
CA ARG B 107 -5.25 30.01 2.05
CA ARG B 107 -5.08 30.37 2.35
C ARG B 107 -5.86 29.39 3.32
C ARG B 107 -5.63 29.79 3.65
N ASN B 108 -5.06 28.66 4.09
CA ASN B 108 -5.56 27.99 5.29
C ASN B 108 -4.75 28.08 6.57
N TYR B 109 -3.42 28.09 6.49
CA TYR B 109 -2.61 28.06 7.70
C TYR B 109 -1.59 29.19 7.83
N SER B 110 -2.02 30.43 7.58
CA SER B 110 -1.12 31.57 7.68
C SER B 110 -0.88 32.01 9.13
N VAL B 111 0.16 32.82 9.32
CA VAL B 111 0.56 33.33 10.64
C VAL B 111 -0.52 34.18 11.32
N GLU B 112 -1.31 34.89 10.53
N GLU B 112 -1.32 34.87 10.53
CA GLU B 112 -2.37 35.75 11.06
CA GLU B 112 -2.37 35.74 11.04
C GLU B 112 -3.53 34.98 11.68
C GLU B 112 -3.54 34.98 11.66
N ARG B 113 -3.48 33.65 11.60
CA ARG B 113 -4.55 32.81 12.17
C ARG B 113 -4.04 31.62 12.97
N LEU B 114 -2.77 31.26 12.75
CA LEU B 114 -2.13 30.17 13.51
C LEU B 114 -0.94 30.70 14.29
N GLY B 115 -0.69 32.00 14.17
CA GLY B 115 0.41 32.66 14.87
C GLY B 115 1.78 32.07 14.61
N GLU B 116 2.42 31.64 15.69
CA GLU B 116 3.76 31.06 15.67
C GLU B 116 3.83 29.79 14.81
N ASN B 117 2.72 29.06 14.77
CA ASN B 117 2.63 27.81 14.00
C ASN B 117 2.13 28.02 12.57
N GLY B 118 2.11 29.28 12.14
CA GLY B 118 1.60 29.60 10.80
C GLY B 118 2.64 29.80 9.73
N TRP B 119 2.16 29.93 8.50
CA TRP B 119 3.02 30.16 7.35
C TRP B 119 3.08 31.64 7.00
N ASN B 120 4.31 32.13 6.78
CA ASN B 120 4.54 33.51 6.39
C ASN B 120 4.78 33.49 4.90
N ASP B 121 3.85 34.06 4.14
CA ASP B 121 3.94 34.01 2.69
C ASP B 121 5.09 34.82 2.08
N ASP B 122 5.71 35.70 2.86
CA ASP B 122 6.86 36.48 2.36
C ASP B 122 8.02 35.54 2.01
N GLU B 123 7.85 34.25 2.29
CA GLU B 123 8.86 33.26 1.98
C GLU B 123 8.55 32.42 0.75
N ARG B 124 7.46 32.75 0.08
CA ARG B 124 7.08 32.15 -1.20
C ARG B 124 8.25 32.09 -2.16
N LEU B 125 8.78 33.26 -2.50
CA LEU B 125 9.85 33.39 -3.49
C LEU B 125 11.09 32.54 -3.22
N ILE B 126 11.63 32.61 -2.01
CA ILE B 126 12.82 31.84 -1.69
C ILE B 126 12.55 30.33 -1.70
N THR B 127 11.37 29.93 -1.23
CA THR B 127 11.00 28.51 -1.20
C THR B 127 10.87 27.96 -2.62
N LEU B 128 10.20 28.73 -3.49
CA LEU B 128 9.99 28.34 -4.88
C LEU B 128 11.30 28.34 -5.67
N CYS B 129 12.17 29.32 -5.40
CA CYS B 129 13.46 29.37 -6.05
C CYS B 129 14.27 28.15 -5.65
N ALA B 130 14.32 27.87 -4.36
CA ALA B 130 15.06 26.73 -3.84
C ALA B 130 14.52 25.40 -4.39
N ALA B 131 13.19 25.30 -4.52
CA ALA B 131 12.58 24.08 -5.05
C ALA B 131 13.00 23.85 -6.50
N LEU B 132 13.03 24.93 -7.26
CA LEU B 132 13.39 24.88 -8.67
C LEU B 132 14.88 24.61 -8.90
N LEU B 133 15.71 25.05 -7.96
CA LEU B 133 17.16 24.91 -8.09
C LEU B 133 17.75 23.87 -7.12
N HIS B 134 16.89 23.06 -6.50
CA HIS B 134 17.35 22.10 -5.48
C HIS B 134 18.45 21.14 -5.95
N ASP B 135 18.51 20.87 -7.24
CA ASP B 135 19.52 19.96 -7.74
C ASP B 135 20.04 20.32 -9.13
N VAL B 136 20.41 21.59 -9.29
CA VAL B 136 20.97 22.08 -10.54
C VAL B 136 22.43 21.63 -10.63
N GLY B 137 23.00 21.28 -9.49
CA GLY B 137 24.38 20.81 -9.41
C GLY B 137 24.63 19.40 -9.91
N HIS B 138 23.58 18.71 -10.31
CA HIS B 138 23.72 17.34 -10.84
C HIS B 138 24.40 17.32 -12.20
N GLY B 139 25.21 16.29 -12.42
CA GLY B 139 25.89 16.10 -13.68
C GLY B 139 25.26 14.92 -14.39
N PRO B 140 25.85 14.50 -15.52
CA PRO B 140 25.32 13.35 -16.26
C PRO B 140 25.51 12.09 -15.45
N TYR B 141 24.45 11.29 -15.34
CA TYR B 141 24.50 10.04 -14.58
C TYR B 141 25.24 10.31 -13.26
N SER B 142 24.81 11.36 -12.58
CA SER B 142 25.42 11.88 -11.35
C SER B 142 25.83 10.87 -10.27
N HIS B 143 25.09 9.78 -10.14
N HIS B 143 25.08 9.79 -10.15
CA HIS B 143 25.42 8.78 -9.12
CA HIS B 143 25.33 8.74 -9.17
C HIS B 143 26.67 7.98 -9.49
C HIS B 143 26.62 7.96 -9.49
N THR B 144 26.73 7.51 -10.73
CA THR B 144 27.86 6.74 -11.22
C THR B 144 29.09 7.64 -11.37
N PHE B 145 28.83 8.86 -11.83
CA PHE B 145 29.85 9.88 -12.06
C PHE B 145 30.44 10.36 -10.74
N GLU B 146 29.65 10.27 -9.67
CA GLU B 146 30.06 10.75 -8.35
C GLU B 146 30.98 9.78 -7.61
N HIS B 147 30.91 8.51 -7.94
N HIS B 147 30.90 8.50 -7.94
CA HIS B 147 31.75 7.49 -7.31
CA HIS B 147 31.75 7.49 -7.31
C HIS B 147 33.16 7.52 -7.90
C HIS B 147 33.16 7.50 -7.90
N ILE B 148 33.23 7.68 -9.22
CA ILE B 148 34.50 7.70 -9.94
C ILE B 148 35.31 8.96 -9.67
N PHE B 149 34.62 10.09 -9.52
CA PHE B 149 35.30 11.35 -9.29
C PHE B 149 34.98 11.89 -7.90
N ASP B 150 35.62 12.99 -7.52
CA ASP B 150 35.41 13.57 -6.21
C ASP B 150 34.39 14.72 -6.22
N THR B 151 33.31 14.53 -6.97
CA THR B 151 32.27 15.56 -7.08
C THR B 151 31.16 15.38 -6.05
N ASN B 152 30.29 16.38 -5.98
CA ASN B 152 29.15 16.37 -5.07
C ASN B 152 28.13 17.37 -5.59
N HIS B 153 26.94 16.88 -5.95
CA HIS B 153 25.88 17.75 -6.46
C HIS B 153 25.41 18.73 -5.38
N GLU B 154 25.52 18.33 -4.12
N GLU B 154 25.53 18.33 -4.12
CA GLU B 154 25.15 19.17 -2.99
CA GLU B 154 25.15 19.17 -2.99
C GLU B 154 26.10 20.37 -2.89
C GLU B 154 26.10 20.36 -2.87
N ALA B 155 27.38 20.12 -3.13
CA ALA B 155 28.38 21.19 -3.06
C ALA B 155 28.38 22.03 -4.33
N ILE B 156 28.02 21.42 -5.46
CA ILE B 156 28.00 22.13 -6.73
C ILE B 156 26.74 22.97 -6.91
N THR B 157 25.60 22.45 -6.46
CA THR B 157 24.35 23.20 -6.51
C THR B 157 24.57 24.54 -5.83
N VAL B 158 25.25 24.50 -4.69
CA VAL B 158 25.57 25.70 -3.92
C VAL B 158 26.52 26.61 -4.69
N GLN B 159 27.49 26.03 -5.40
CA GLN B 159 28.41 26.83 -6.20
C GLN B 159 27.67 27.59 -7.29
N ILE B 160 26.80 26.89 -8.00
CA ILE B 160 25.99 27.47 -9.07
C ILE B 160 25.18 28.67 -8.57
N ILE B 161 24.66 28.56 -7.36
CA ILE B 161 23.85 29.62 -6.76
C ILE B 161 24.66 30.78 -6.17
N THR B 162 25.85 30.49 -5.66
N THR B 162 25.85 30.49 -5.66
CA THR B 162 26.69 31.52 -5.03
CA THR B 162 26.69 31.52 -5.03
C THR B 162 27.75 32.13 -5.95
C THR B 162 27.77 32.12 -5.93
N SER B 163 28.11 31.43 -7.02
CA SER B 163 29.15 31.91 -7.95
C SER B 163 28.66 32.91 -9.00
N PRO B 164 29.28 34.12 -9.00
CA PRO B 164 28.98 35.23 -9.92
C PRO B 164 29.09 34.89 -11.41
N GLU B 165 29.78 33.79 -11.73
CA GLU B 165 29.96 33.34 -13.10
C GLU B 165 28.62 32.89 -13.69
N THR B 166 27.76 32.36 -12.83
CA THR B 166 26.48 31.77 -13.20
C THR B 166 25.29 32.73 -13.43
N GLU B 167 24.47 32.39 -14.42
CA GLU B 167 23.28 33.17 -14.75
C GLU B 167 22.22 33.15 -13.63
N VAL B 168 22.08 32.03 -12.92
CA VAL B 168 21.10 31.99 -11.83
C VAL B 168 21.52 32.93 -10.72
N TYR B 169 22.83 33.08 -10.53
CA TYR B 169 23.35 33.99 -9.53
C TYR B 169 22.95 35.41 -9.91
N GLN B 170 23.18 35.77 -11.17
CA GLN B 170 22.87 37.10 -11.69
C GLN B 170 21.40 37.43 -11.45
N ILE B 171 20.54 36.43 -11.65
CA ILE B 171 19.11 36.58 -11.43
C ILE B 171 18.80 36.73 -9.94
N LEU B 172 19.35 35.84 -9.13
CA LEU B 172 19.13 35.87 -7.68
C LEU B 172 19.77 37.08 -7.03
N ASN B 173 20.88 37.55 -7.59
CA ASN B 173 21.57 38.71 -7.07
C ASN B 173 20.74 39.96 -7.29
N ARG B 174 19.98 39.97 -8.39
CA ARG B 174 19.12 41.10 -8.72
C ARG B 174 17.95 41.17 -7.75
N VAL B 175 17.55 40.03 -7.19
CA VAL B 175 16.46 39.98 -6.22
C VAL B 175 16.92 40.75 -4.98
N SER B 176 18.13 40.40 -4.53
CA SER B 176 18.77 41.03 -3.38
C SER B 176 20.23 40.57 -3.33
N ALA B 177 21.05 41.34 -2.64
CA ALA B 177 22.47 41.02 -2.53
C ALA B 177 22.72 39.80 -1.63
N ASP B 178 21.88 39.62 -0.62
N ASP B 178 21.87 39.62 -0.62
CA ASP B 178 22.01 38.51 0.31
CA ASP B 178 22.01 38.51 0.30
C ASP B 178 21.21 37.29 -0.14
C ASP B 178 21.21 37.29 -0.14
N PHE B 179 20.36 37.49 -1.14
CA PHE B 179 19.48 36.44 -1.66
C PHE B 179 20.15 35.16 -2.17
N PRO B 180 21.23 35.28 -2.97
CA PRO B 180 21.87 34.03 -3.40
C PRO B 180 22.26 33.16 -2.21
N GLU B 181 22.89 33.75 -1.19
CA GLU B 181 23.31 33.03 0.01
C GLU B 181 22.13 32.43 0.76
N LYS B 182 21.04 33.19 0.83
CA LYS B 182 19.83 32.74 1.51
C LYS B 182 19.22 31.51 0.85
N VAL B 183 19.22 31.48 -0.48
CA VAL B 183 18.68 30.34 -1.21
C VAL B 183 19.55 29.11 -0.98
N ALA B 184 20.86 29.31 -1.01
CA ALA B 184 21.82 28.23 -0.79
C ALA B 184 21.67 27.65 0.63
N SER B 185 21.36 28.52 1.58
CA SER B 185 21.19 28.09 2.98
C SER B 185 19.98 27.18 3.17
N VAL B 186 19.01 27.26 2.27
CA VAL B 186 17.84 26.40 2.32
C VAL B 186 18.25 24.99 1.89
N ILE B 187 19.02 24.90 0.82
CA ILE B 187 19.48 23.62 0.29
C ILE B 187 20.48 22.93 1.22
N THR B 188 21.27 23.72 1.95
CA THR B 188 22.21 23.16 2.92
C THR B 188 21.51 22.97 4.27
N LYS B 189 20.20 23.23 4.29
CA LYS B 189 19.35 23.11 5.48
C LYS B 189 19.72 24.03 6.63
N GLN B 190 20.46 25.09 6.34
CA GLN B 190 20.91 26.04 7.37
C GLN B 190 19.97 27.22 7.56
N TYR B 191 19.06 27.42 6.61
CA TYR B 191 18.11 28.54 6.65
C TYR B 191 17.20 28.45 7.88
N PRO B 192 17.13 29.55 8.64
CA PRO B 192 16.36 29.74 9.88
C PRO B 192 14.99 29.05 9.94
N ASN B 193 14.17 29.24 8.90
CA ASN B 193 12.81 28.69 8.88
C ASN B 193 12.74 27.20 8.51
N PRO B 194 12.35 26.35 9.48
CA PRO B 194 12.25 24.91 9.24
C PRO B 194 11.10 24.54 8.29
N GLN B 195 10.09 25.39 8.21
CA GLN B 195 8.96 25.15 7.31
C GLN B 195 9.44 25.21 5.87
N VAL B 196 10.34 26.15 5.59
CA VAL B 196 10.90 26.32 4.25
C VAL B 196 11.83 25.17 3.92
N VAL B 197 12.72 24.85 4.85
CA VAL B 197 13.69 23.78 4.66
C VAL B 197 13.01 22.44 4.41
N GLN B 198 12.12 22.05 5.32
CA GLN B 198 11.43 20.77 5.25
C GLN B 198 10.48 20.62 4.06
N MET B 199 10.15 21.70 3.38
CA MET B 199 9.26 21.62 2.22
C MET B 199 10.04 21.10 1.02
N ILE B 200 11.35 21.22 1.10
CA ILE B 200 12.24 20.81 0.02
C ILE B 200 13.08 19.59 0.41
N SER B 201 13.41 19.47 1.68
CA SER B 201 14.20 18.34 2.15
C SER B 201 13.75 17.80 3.51
N SER B 202 13.18 16.60 3.48
CA SER B 202 12.65 15.92 4.66
C SER B 202 12.38 14.45 4.31
N GLN B 203 11.48 13.80 5.04
CA GLN B 203 11.12 12.41 4.75
C GLN B 203 9.98 12.33 3.74
N ILE B 204 9.35 13.47 3.51
CA ILE B 204 8.25 13.59 2.56
C ILE B 204 8.27 15.02 2.02
N ASP B 205 8.91 15.16 0.86
CA ASP B 205 9.13 16.45 0.23
C ASP B 205 8.49 16.57 -1.12
N ALA B 206 8.41 17.81 -1.60
CA ALA B 206 7.92 18.08 -2.93
C ALA B 206 8.86 17.35 -3.85
N ASP B 207 10.12 17.29 -3.45
CA ASP B 207 11.18 16.62 -4.20
C ASP B 207 10.90 15.12 -4.28
N ARG B 208 10.82 14.47 -3.12
CA ARG B 208 10.57 13.02 -3.08
C ARG B 208 9.20 12.69 -3.69
N MET B 209 8.19 13.50 -3.39
CA MET B 209 6.86 13.28 -3.93
C MET B 209 6.84 13.37 -5.44
N ASP B 210 7.59 14.32 -6.00
CA ASP B 210 7.62 14.48 -7.43
C ASP B 210 8.32 13.34 -8.17
N TYR B 211 9.53 12.99 -7.74
CA TYR B 211 10.26 11.95 -8.46
C TYR B 211 9.66 10.57 -8.30
N LEU B 212 8.94 10.33 -7.21
CA LEU B 212 8.27 9.06 -7.04
C LEU B 212 7.13 8.96 -8.04
N LEU B 213 6.32 10.00 -8.11
CA LEU B 213 5.18 10.07 -9.03
C LEU B 213 5.61 10.09 -10.50
N ARG B 214 6.61 10.92 -10.79
CA ARG B 214 7.10 11.05 -12.15
C ARG B 214 7.77 9.77 -12.67
N ASP B 215 8.64 9.17 -11.87
CA ASP B 215 9.28 7.92 -12.25
C ASP B 215 8.22 6.83 -12.40
N ALA B 216 7.20 6.86 -11.54
CA ALA B 216 6.12 5.88 -11.58
C ALA B 216 5.35 5.96 -12.89
N TYR B 217 5.15 7.18 -13.38
CA TYR B 217 4.45 7.40 -14.63
C TYR B 217 5.28 6.94 -15.82
N PHE B 218 6.48 7.50 -15.96
CA PHE B 218 7.36 7.16 -17.08
C PHE B 218 7.76 5.70 -17.14
N THR B 219 7.90 5.08 -15.97
CA THR B 219 8.28 3.67 -15.90
C THR B 219 7.12 2.73 -16.23
N GLY B 220 5.94 3.06 -15.75
CA GLY B 220 4.75 2.24 -16.00
C GLY B 220 4.33 1.44 -14.78
N THR B 221 4.96 1.71 -13.64
CA THR B 221 4.65 1.02 -12.40
C THR B 221 3.55 1.72 -11.60
N GLU B 222 2.34 1.17 -11.67
CA GLU B 222 1.15 1.71 -10.98
C GLU B 222 1.29 1.70 -9.46
N TYR B 223 2.07 0.76 -8.95
CA TYR B 223 2.28 0.60 -7.51
C TYR B 223 2.92 1.83 -6.89
N GLY B 224 3.76 2.52 -7.66
CA GLY B 224 4.45 3.70 -7.18
C GLY B 224 3.63 4.97 -7.17
N THR B 225 2.42 4.91 -7.71
CA THR B 225 1.56 6.09 -7.77
C THR B 225 0.67 6.24 -6.54
N PHE B 226 1.05 7.15 -5.65
CA PHE B 226 0.27 7.44 -4.46
C PHE B 226 -0.57 8.67 -4.75
N ASP B 227 -1.69 8.82 -4.05
CA ASP B 227 -2.58 9.96 -4.27
C ASP B 227 -2.00 11.25 -3.69
N LEU B 228 -1.49 12.10 -4.58
CA LEU B 228 -0.85 13.35 -4.18
C LEU B 228 -1.79 14.35 -3.51
N THR B 229 -2.94 14.61 -4.14
CA THR B 229 -3.87 15.61 -3.60
C THR B 229 -4.40 15.21 -2.22
N ARG B 230 -4.40 13.91 -1.93
CA ARG B 230 -4.90 13.45 -0.64
C ARG B 230 -3.88 13.72 0.47
N ILE B 231 -2.61 13.82 0.09
CA ILE B 231 -1.55 14.17 1.03
C ILE B 231 -1.56 15.68 1.25
N LEU B 232 -1.91 16.42 0.21
CA LEU B 232 -1.98 17.88 0.28
C LEU B 232 -3.13 18.43 1.12
N ARG B 233 -4.20 17.66 1.30
CA ARG B 233 -5.34 18.08 2.11
C ARG B 233 -5.02 17.93 3.59
N VAL B 234 -3.93 17.24 3.85
N VAL B 234 -3.94 17.23 3.90
CA VAL B 234 -3.50 16.89 5.20
CA VAL B 234 -3.56 17.03 5.30
C VAL B 234 -2.26 17.67 5.65
C VAL B 234 -2.25 17.72 5.68
N ILE B 235 -1.45 18.09 4.69
CA ILE B 235 -0.20 18.81 4.96
C ILE B 235 -0.48 20.18 5.57
N ARG B 236 0.33 20.56 6.57
CA ARG B 236 0.17 21.84 7.26
C ARG B 236 1.47 22.20 7.97
N PRO B 237 1.69 23.50 8.23
CA PRO B 237 2.90 23.91 8.93
C PRO B 237 2.71 24.00 10.44
N TYR B 238 3.82 24.19 11.15
CA TYR B 238 3.85 24.39 12.60
C TYR B 238 5.21 24.99 12.91
N LYS B 239 5.42 25.43 14.15
CA LYS B 239 6.69 26.10 14.52
C LYS B 239 7.95 25.28 14.21
N GLY B 240 7.88 23.98 14.37
CA GLY B 240 9.03 23.11 14.14
C GLY B 240 9.24 22.63 12.72
N GLY B 241 8.33 22.99 11.82
CA GLY B 241 8.46 22.59 10.42
C GLY B 241 7.17 22.22 9.72
N ILE B 242 7.13 21.00 9.18
CA ILE B 242 5.95 20.53 8.44
C ILE B 242 5.37 19.25 9.02
N ALA B 243 4.07 19.25 9.25
CA ALA B 243 3.37 18.10 9.80
C ALA B 243 2.20 17.70 8.91
N PHE B 244 1.51 16.63 9.32
CA PHE B 244 0.36 16.12 8.57
C PHE B 244 -0.77 15.80 9.53
N ALA B 245 -1.95 16.33 9.27
CA ALA B 245 -3.13 16.06 10.12
C ALA B 245 -3.22 14.57 10.38
N MET B 246 -3.47 14.23 11.63
CA MET B 246 -3.49 12.83 12.08
C MET B 246 -4.52 11.97 11.34
N ASN B 247 -5.58 12.61 10.84
N ASN B 247 -5.61 12.59 10.86
CA ASN B 247 -6.64 11.91 10.12
CA ASN B 247 -6.63 11.83 10.13
C ASN B 247 -6.21 11.50 8.71
C ASN B 247 -6.20 11.44 8.73
N GLY B 248 -5.01 11.89 8.33
CA GLY B 248 -4.46 11.57 7.01
C GLY B 248 -3.31 10.59 7.12
N MET B 249 -3.25 9.85 8.22
CA MET B 249 -2.19 8.88 8.46
C MET B 249 -2.11 7.87 7.31
N HIS B 250 -3.25 7.30 6.95
CA HIS B 250 -3.31 6.29 5.91
C HIS B 250 -2.90 6.80 4.53
N ALA B 251 -3.03 8.10 4.31
CA ALA B 251 -2.60 8.72 3.07
C ALA B 251 -1.08 8.79 3.07
N VAL B 252 -0.49 8.96 4.25
CA VAL B 252 0.95 9.00 4.40
C VAL B 252 1.47 7.56 4.27
N GLU B 253 0.70 6.61 4.79
CA GLU B 253 1.05 5.19 4.70
C GLU B 253 1.15 4.75 3.24
N ASP B 254 0.22 5.22 2.42
CA ASP B 254 0.17 4.88 1.00
C ASP B 254 1.42 5.39 0.29
N TYR B 255 1.89 6.57 0.73
CA TYR B 255 3.10 7.19 0.21
C TYR B 255 4.32 6.33 0.53
N ILE B 256 4.35 5.77 1.74
CA ILE B 256 5.47 4.95 2.17
C ILE B 256 5.55 3.60 1.45
N VAL B 257 4.40 3.03 1.12
CA VAL B 257 4.36 1.79 0.37
C VAL B 257 4.79 2.06 -1.07
N SER B 258 4.30 3.16 -1.64
CA SER B 258 4.66 3.54 -3.01
C SER B 258 6.16 3.81 -3.10
N ARG B 259 6.72 4.33 -2.01
CA ARG B 259 8.14 4.59 -1.90
C ARG B 259 8.88 3.26 -1.84
N TYR B 260 8.32 2.30 -1.10
CA TYR B 260 8.90 0.97 -1.00
C TYR B 260 8.85 0.23 -2.34
N GLN B 261 7.67 0.22 -2.95
CA GLN B 261 7.46 -0.43 -4.23
C GLN B 261 8.35 0.16 -5.28
N MET B 262 8.61 1.46 -5.14
CA MET B 262 9.41 2.18 -6.10
C MET B 262 10.89 1.81 -5.95
N TYR B 263 11.35 1.66 -4.72
CA TYR B 263 12.73 1.28 -4.44
C TYR B 263 13.03 -0.16 -4.84
N VAL B 264 12.00 -1.01 -4.87
CA VAL B 264 12.17 -2.41 -5.22
C VAL B 264 12.00 -2.69 -6.72
N GLN B 265 11.05 -2.04 -7.36
CA GLN B 265 10.79 -2.29 -8.78
C GLN B 265 11.58 -1.43 -9.75
N VAL B 266 12.19 -0.35 -9.27
CA VAL B 266 12.91 0.55 -10.17
C VAL B 266 14.32 0.92 -9.71
N TYR B 267 14.43 1.63 -8.59
CA TYR B 267 15.73 2.12 -8.11
C TYR B 267 16.75 1.01 -7.84
N PHE B 268 16.30 -0.11 -7.29
CA PHE B 268 17.21 -1.22 -7.03
C PHE B 268 16.83 -2.46 -7.84
N HIS B 269 16.18 -2.25 -8.97
CA HIS B 269 15.79 -3.34 -9.85
C HIS B 269 17.06 -3.97 -10.45
N PRO B 270 17.13 -5.31 -10.44
CA PRO B 270 18.29 -6.05 -10.95
C PRO B 270 18.85 -5.51 -12.28
N VAL B 271 17.97 -5.31 -13.26
CA VAL B 271 18.39 -4.80 -14.58
C VAL B 271 19.03 -3.41 -14.47
N SER B 272 18.50 -2.56 -13.59
CA SER B 272 19.05 -1.22 -13.38
C SER B 272 20.43 -1.32 -12.72
N ARG B 273 20.52 -2.16 -11.69
CA ARG B 273 21.77 -2.39 -10.95
C ARG B 273 22.94 -2.73 -11.87
N GLY B 274 22.67 -3.57 -12.87
CA GLY B 274 23.68 -4.01 -13.82
C GLY B 274 24.19 -2.89 -14.72
N MET B 275 23.34 -1.91 -14.99
CA MET B 275 23.71 -0.77 -15.81
C MET B 275 24.70 0.12 -15.09
N GLU B 276 24.40 0.40 -13.81
CA GLU B 276 25.24 1.24 -12.98
C GLU B 276 26.65 0.64 -12.89
N VAL B 277 26.72 -0.69 -12.91
CA VAL B 277 28.00 -1.40 -12.86
C VAL B 277 28.80 -1.17 -14.15
N ILE B 278 28.15 -1.39 -15.29
CA ILE B 278 28.79 -1.18 -16.60
C ILE B 278 29.37 0.22 -16.76
N LEU B 279 28.53 1.24 -16.58
CA LEU B 279 28.97 2.62 -16.71
C LEU B 279 30.09 2.97 -15.72
N ASP B 280 29.98 2.45 -14.50
CA ASP B 280 31.02 2.69 -13.49
C ASP B 280 32.34 2.10 -13.97
N HIS B 281 32.26 0.91 -14.58
CA HIS B 281 33.45 0.24 -15.11
C HIS B 281 33.88 0.83 -16.44
N LEU B 282 32.92 1.34 -17.22
CA LEU B 282 33.19 1.96 -18.52
C LEU B 282 33.93 3.29 -18.38
N LEU B 283 33.75 3.95 -17.23
CA LEU B 283 34.41 5.23 -16.98
C LEU B 283 35.65 5.07 -16.11
N HIS B 284 35.69 4.00 -15.31
CA HIS B 284 36.83 3.74 -14.44
C HIS B 284 38.03 3.31 -15.28
N ARG B 285 37.79 2.39 -16.22
CA ARG B 285 38.83 1.90 -17.12
C ARG B 285 39.32 3.05 -17.99
N ALA B 286 38.40 3.98 -18.28
CA ALA B 286 38.70 5.16 -19.08
C ALA B 286 39.65 6.09 -18.33
N LYS B 287 39.52 6.13 -17.01
CA LYS B 287 40.39 6.95 -16.18
C LYS B 287 41.75 6.28 -16.01
N GLU B 288 41.76 4.94 -16.04
CA GLU B 288 42.98 4.17 -15.86
C GLU B 288 43.94 4.29 -17.04
N LEU B 289 43.41 4.33 -18.25
CA LEU B 289 44.27 4.42 -19.45
C LEU B 289 44.77 5.85 -19.70
N PHE B 290 44.12 6.82 -19.07
CA PHE B 290 44.52 8.21 -19.16
C PHE B 290 45.79 8.39 -18.34
N GLU B 291 45.99 7.49 -17.39
CA GLU B 291 47.17 7.51 -16.53
C GLU B 291 48.29 6.64 -17.09
N ASN B 292 48.07 6.03 -18.25
CA ASN B 292 49.08 5.19 -18.92
C ASN B 292 49.50 5.71 -20.31
N PRO B 293 50.79 5.63 -20.61
CA PRO B 293 51.31 6.07 -21.91
C PRO B 293 51.02 5.04 -23.02
N GLU B 294 49.74 4.70 -23.20
CA GLU B 294 49.31 3.72 -24.20
C GLU B 294 50.20 2.48 -24.29
N ASP B 298 43.66 6.40 -28.84
CA ASP B 298 43.09 7.68 -29.22
C ASP B 298 41.94 8.05 -28.29
N LEU B 299 42.29 8.63 -27.15
CA LEU B 299 41.30 9.05 -26.16
C LEU B 299 40.49 10.24 -26.67
N GLN B 300 41.19 11.15 -27.36
CA GLN B 300 40.63 12.37 -27.98
C GLN B 300 39.52 13.14 -27.25
N ALA B 301 39.07 12.65 -26.10
CA ALA B 301 38.02 13.34 -25.34
C ALA B 301 38.56 14.66 -24.81
N SER B 302 37.67 15.62 -24.57
CA SER B 302 38.13 16.92 -24.09
C SER B 302 37.40 17.40 -22.83
N LEU B 303 36.07 17.28 -22.84
CA LEU B 303 35.27 17.72 -21.71
C LEU B 303 35.44 16.87 -20.45
N LEU B 304 35.92 15.64 -20.61
CA LEU B 304 36.14 14.74 -19.49
C LEU B 304 37.54 14.85 -18.90
N VAL B 305 38.47 15.40 -19.70
CA VAL B 305 39.88 15.56 -19.30
C VAL B 305 40.14 16.12 -17.89
N PRO B 306 39.55 17.30 -17.56
CA PRO B 306 39.80 17.87 -16.24
C PRO B 306 39.35 16.96 -15.09
N PHE B 307 38.43 16.05 -15.36
CA PHE B 307 37.94 15.15 -14.33
C PHE B 307 38.84 13.93 -14.11
N PHE B 308 39.64 13.58 -15.12
CA PHE B 308 40.57 12.47 -14.97
C PHE B 308 41.73 12.88 -14.06
N LYS B 309 42.11 14.16 -14.14
CA LYS B 309 43.20 14.71 -13.34
C LYS B 309 42.81 14.93 -11.88
N GLY B 310 41.54 15.25 -11.65
CA GLY B 310 41.04 15.51 -10.31
C GLY B 310 40.94 17.01 -10.04
N ASP B 311 41.38 17.81 -11.00
CA ASP B 311 41.34 19.25 -10.91
C ASP B 311 40.39 19.78 -11.98
N PHE B 312 39.22 20.23 -11.53
CA PHE B 312 38.19 20.72 -12.45
C PHE B 312 37.60 22.06 -12.03
N THR B 313 37.01 22.75 -12.99
CA THR B 313 36.38 24.04 -12.76
C THR B 313 34.86 23.89 -12.85
N LEU B 314 34.13 24.83 -12.29
CA LEU B 314 32.67 24.81 -12.34
C LEU B 314 32.19 25.01 -13.77
N GLN B 315 32.83 25.91 -14.50
CA GLN B 315 32.46 26.19 -15.88
C GLN B 315 32.62 24.95 -16.75
N GLU B 316 33.68 24.18 -16.48
CA GLU B 316 33.96 22.94 -17.20
C GLU B 316 32.90 21.88 -16.87
N TYR B 317 32.46 21.87 -15.62
CA TYR B 317 31.44 20.94 -15.15
C TYR B 317 30.10 21.19 -15.83
N LEU B 318 29.81 22.45 -16.14
CA LEU B 318 28.56 22.85 -16.78
C LEU B 318 28.46 22.39 -18.24
N LYS B 319 29.59 22.03 -18.83
CA LYS B 319 29.62 21.59 -20.23
C LYS B 319 29.34 20.09 -20.37
N LEU B 320 28.97 19.45 -19.28
CA LEU B 320 28.68 18.01 -19.29
C LEU B 320 27.18 17.69 -19.45
N ASP B 321 26.90 16.77 -20.37
CA ASP B 321 25.55 16.40 -20.76
C ASP B 321 25.52 14.92 -21.14
N ASP B 322 24.35 14.28 -20.98
CA ASP B 322 24.18 12.87 -21.36
C ASP B 322 24.47 12.68 -22.85
N GLY B 323 23.90 13.56 -23.67
CA GLY B 323 24.10 13.53 -25.12
C GLY B 323 25.56 13.76 -25.49
N VAL B 324 26.27 14.44 -24.60
CA VAL B 324 27.70 14.69 -24.79
C VAL B 324 28.49 13.44 -24.43
N LEU B 325 28.10 12.79 -23.34
CA LEU B 325 28.75 11.55 -22.93
C LEU B 325 28.48 10.41 -23.92
N SER B 326 27.28 10.42 -24.51
N SER B 326 27.29 10.43 -24.51
CA SER B 326 26.90 9.41 -25.49
CA SER B 326 26.90 9.42 -25.49
C SER B 326 27.71 9.57 -26.78
C SER B 326 27.71 9.57 -26.78
N THR B 327 28.15 10.79 -27.05
CA THR B 327 28.96 11.06 -28.24
C THR B 327 30.34 10.47 -28.04
N TYR B 328 30.83 10.50 -26.80
CA TYR B 328 32.13 9.91 -26.50
C TYR B 328 32.06 8.38 -26.52
N PHE B 329 30.93 7.82 -26.09
CA PHE B 329 30.79 6.36 -26.07
C PHE B 329 30.74 5.73 -27.46
N THR B 330 30.27 6.48 -28.46
CA THR B 330 30.22 5.97 -29.83
C THR B 330 31.61 5.94 -30.45
N GLN B 331 32.50 6.79 -29.93
CA GLN B 331 33.89 6.83 -30.37
C GLN B 331 34.74 5.88 -29.52
N TRP B 332 34.08 5.09 -28.68
CA TRP B 332 34.79 4.19 -27.76
C TRP B 332 34.79 2.70 -28.09
N MET B 333 34.13 2.29 -29.18
CA MET B 333 34.20 0.89 -29.60
C MET B 333 35.16 0.77 -30.78
N ASP B 334 35.73 1.90 -31.18
CA ASP B 334 36.72 1.94 -32.26
C ASP B 334 38.11 2.02 -31.64
N VAL B 335 38.15 2.19 -30.32
CA VAL B 335 39.39 2.25 -29.57
C VAL B 335 40.02 0.85 -29.51
N PRO B 336 41.30 0.74 -29.94
CA PRO B 336 42.07 -0.51 -29.97
C PRO B 336 42.08 -1.30 -28.65
N ASP B 337 41.47 -0.74 -27.60
CA ASP B 337 41.37 -1.40 -26.31
C ASP B 337 40.12 -2.28 -26.31
N SER B 338 40.30 -3.55 -25.96
CA SER B 338 39.21 -4.52 -25.95
C SER B 338 38.19 -4.30 -24.83
N ILE B 339 38.68 -4.00 -23.63
CA ILE B 339 37.80 -3.77 -22.48
C ILE B 339 36.79 -2.65 -22.71
N LEU B 340 37.28 -1.44 -23.01
CA LEU B 340 36.39 -0.31 -23.28
C LEU B 340 35.52 -0.55 -24.51
N GLY B 341 36.11 -1.09 -25.57
CA GLY B 341 35.39 -1.36 -26.80
C GLY B 341 34.14 -2.20 -26.60
N ASP B 342 34.28 -3.29 -25.86
CA ASP B 342 33.17 -4.21 -25.59
C ASP B 342 32.13 -3.57 -24.67
N LEU B 343 32.60 -2.92 -23.61
CA LEU B 343 31.72 -2.28 -22.63
C LEU B 343 30.92 -1.12 -23.23
N ALA B 344 31.57 -0.37 -24.13
CA ALA B 344 30.92 0.78 -24.77
C ALA B 344 29.72 0.33 -25.60
N LYS B 345 29.82 -0.84 -26.23
CA LYS B 345 28.73 -1.38 -27.01
C LYS B 345 27.60 -1.80 -26.09
N ARG B 346 27.93 -2.60 -25.08
CA ARG B 346 26.96 -3.10 -24.11
C ARG B 346 26.21 -1.99 -23.37
N PHE B 347 26.75 -0.78 -23.40
CA PHE B 347 26.10 0.36 -22.80
C PHE B 347 25.05 0.88 -23.78
N LEU B 348 25.45 1.01 -25.04
CA LEU B 348 24.56 1.49 -26.09
C LEU B 348 23.56 0.42 -26.51
N MET B 349 23.99 -0.84 -26.47
CA MET B 349 23.13 -1.98 -26.82
C MET B 349 22.03 -2.15 -25.77
N ARG B 350 22.24 -1.50 -24.62
CA ARG B 350 21.29 -1.54 -23.51
C ARG B 350 21.13 -2.96 -22.96
N LYS B 351 22.25 -3.59 -22.66
CA LYS B 351 22.27 -4.95 -22.12
C LYS B 351 23.22 -4.98 -20.92
N PRO B 352 22.66 -5.07 -19.70
CA PRO B 352 23.44 -5.05 -18.48
C PRO B 352 23.91 -6.42 -18.03
N LEU B 353 24.70 -6.43 -16.96
CA LEU B 353 25.18 -7.68 -16.38
C LEU B 353 24.08 -8.27 -15.52
N LYS B 354 23.93 -9.60 -15.57
CA LYS B 354 22.94 -10.27 -14.75
C LYS B 354 23.47 -10.45 -13.33
N SER B 355 22.62 -10.86 -12.40
CA SER B 355 23.04 -10.98 -11.01
C SER B 355 22.47 -12.17 -10.23
N ALA B 356 23.05 -12.41 -9.05
CA ALA B 356 22.63 -13.49 -8.16
C ALA B 356 22.61 -13.00 -6.72
N THR B 357 21.75 -13.61 -5.90
CA THR B 357 21.62 -13.22 -4.50
C THR B 357 22.35 -14.15 -3.53
N PHE B 358 22.96 -13.57 -2.50
CA PHE B 358 23.68 -14.30 -1.45
C PHE B 358 23.66 -13.45 -0.18
N THR B 359 23.27 -14.04 0.94
CA THR B 359 23.20 -13.30 2.20
C THR B 359 24.51 -13.26 2.99
N ASN B 360 25.05 -14.43 3.31
CA ASN B 360 26.31 -14.52 4.05
C ASN B 360 27.52 -14.08 3.24
N GLU B 361 27.93 -12.83 3.41
CA GLU B 361 29.11 -12.31 2.72
C GLU B 361 30.36 -12.84 3.41
N LYS B 362 30.17 -13.39 4.60
CA LYS B 362 31.24 -13.97 5.40
C LYS B 362 31.53 -15.41 5.01
N GLU B 363 30.61 -16.02 4.26
CA GLU B 363 30.74 -17.40 3.81
C GLU B 363 30.87 -17.50 2.29
N SER B 364 30.43 -16.46 1.59
CA SER B 364 30.48 -16.43 0.13
C SER B 364 31.89 -16.20 -0.41
N ALA B 365 32.73 -15.53 0.37
CA ALA B 365 34.11 -15.23 0.00
C ALA B 365 34.81 -16.36 -0.75
N ALA B 366 34.66 -17.59 -0.25
CA ALA B 366 35.26 -18.76 -0.86
C ALA B 366 34.65 -19.09 -2.22
N THR B 367 33.33 -18.92 -2.32
CA THR B 367 32.61 -19.19 -3.57
C THR B 367 32.85 -18.08 -4.60
N ILE B 368 32.75 -16.84 -4.13
CA ILE B 368 32.94 -15.66 -4.99
C ILE B 368 34.23 -15.73 -5.81
N ALA B 369 35.35 -15.96 -5.12
CA ALA B 369 36.65 -16.04 -5.76
C ALA B 369 36.67 -17.10 -6.87
N TYR B 370 36.12 -18.27 -6.55
CA TYR B 370 36.04 -19.38 -7.49
C TYR B 370 35.20 -19.01 -8.72
N LEU B 371 34.15 -18.24 -8.50
CA LEU B 371 33.29 -17.80 -9.59
C LEU B 371 33.98 -16.76 -10.46
N ARG B 372 34.85 -15.97 -9.85
CA ARG B 372 35.61 -14.94 -10.56
C ARG B 372 36.73 -15.55 -11.41
N GLU B 373 37.25 -16.70 -10.99
CA GLU B 373 38.30 -17.38 -11.72
C GLU B 373 37.73 -18.06 -12.98
N LEU B 374 36.49 -18.54 -12.88
CA LEU B 374 35.81 -19.19 -13.99
C LEU B 374 35.54 -18.23 -15.13
N ILE B 375 35.14 -17.01 -14.78
CA ILE B 375 34.86 -15.96 -15.76
C ILE B 375 36.17 -15.54 -16.42
N GLU B 376 37.23 -15.48 -15.61
CA GLU B 376 38.56 -15.11 -16.09
C GLU B 376 39.10 -16.08 -17.13
N LYS B 377 38.86 -17.37 -16.91
CA LYS B 377 39.32 -18.42 -17.83
C LYS B 377 38.61 -18.37 -19.19
N VAL B 378 37.44 -17.74 -19.24
CA VAL B 378 36.68 -17.61 -20.49
C VAL B 378 37.31 -16.53 -21.37
N GLY B 379 38.04 -15.60 -20.74
CA GLY B 379 38.74 -14.55 -21.48
C GLY B 379 38.33 -13.13 -21.19
N PHE B 380 37.60 -12.92 -20.10
CA PHE B 380 37.15 -11.57 -19.75
C PHE B 380 37.43 -11.21 -18.29
N ASN B 381 38.23 -10.16 -18.12
CA ASN B 381 38.70 -9.66 -16.83
C ASN B 381 37.62 -9.53 -15.75
N PRO B 382 37.76 -10.31 -14.66
CA PRO B 382 36.84 -10.37 -13.51
C PRO B 382 36.82 -9.15 -12.59
N LYS B 383 37.36 -8.02 -13.04
CA LYS B 383 37.33 -6.81 -12.23
C LYS B 383 36.55 -5.73 -12.96
N TYR B 384 36.39 -5.92 -14.27
CA TYR B 384 35.66 -5.00 -15.12
C TYR B 384 34.38 -5.66 -15.61
N TYR B 385 34.18 -6.92 -15.22
CA TYR B 385 33.00 -7.68 -15.59
C TYR B 385 32.37 -8.37 -14.39
N THR B 386 32.84 -8.01 -13.20
CA THR B 386 32.33 -8.59 -11.95
C THR B 386 32.44 -7.59 -10.80
N ALA B 387 31.37 -7.48 -10.02
CA ALA B 387 31.35 -6.57 -8.87
C ALA B 387 30.39 -7.04 -7.78
N ILE B 388 30.45 -6.35 -6.63
CA ILE B 388 29.57 -6.64 -5.50
C ILE B 388 28.96 -5.34 -4.98
N ASN B 389 27.64 -5.29 -4.86
CA ASN B 389 26.96 -4.10 -4.37
C ASN B 389 26.31 -4.25 -3.00
N SER B 390 25.55 -3.22 -2.61
CA SER B 390 24.83 -3.17 -1.34
C SER B 390 25.68 -3.58 -0.13
N LEU B 394 16.61 4.63 0.95
CA LEU B 394 16.54 5.36 2.22
C LEU B 394 15.21 5.04 2.89
N PRO B 395 15.22 4.08 3.84
CA PRO B 395 14.00 3.69 4.56
C PRO B 395 13.65 4.70 5.64
N TYR B 396 12.42 4.62 6.16
CA TYR B 396 12.00 5.53 7.22
C TYR B 396 12.02 4.83 8.58
N ASP B 397 12.84 5.37 9.49
CA ASP B 397 12.98 4.79 10.83
C ASP B 397 12.78 5.85 11.90
N PHE B 398 13.59 6.90 11.87
CA PHE B 398 13.54 7.97 12.86
C PHE B 398 12.32 8.86 12.63
N GLN B 409 16.18 13.03 10.04
CA GLN B 409 14.88 13.48 9.53
C GLN B 409 13.74 12.74 10.23
N ILE B 410 12.56 13.35 10.24
CA ILE B 410 11.40 12.75 10.90
C ILE B 410 10.08 13.12 10.22
N GLU B 411 9.11 12.22 10.28
CA GLU B 411 7.81 12.42 9.65
C GLU B 411 6.76 12.49 10.74
N LEU B 412 6.25 13.69 10.99
CA LEU B 412 5.30 13.92 12.08
C LEU B 412 3.84 14.04 11.70
N MET B 413 2.97 13.69 12.66
CA MET B 413 1.53 13.78 12.47
C MET B 413 0.97 14.67 13.58
N GLN B 414 -0.05 15.45 13.26
CA GLN B 414 -0.60 16.38 14.23
C GLN B 414 -2.06 16.14 14.56
N LYS B 415 -2.34 15.97 15.85
CA LYS B 415 -3.69 15.79 16.35
C LYS B 415 -4.23 17.18 16.65
N ASP B 416 -5.30 17.26 17.43
CA ASP B 416 -5.86 18.55 17.80
C ASP B 416 -4.93 19.24 18.80
N GLY B 417 -3.79 19.71 18.29
CA GLY B 417 -2.78 20.39 19.11
C GLY B 417 -1.39 19.77 19.09
N SER B 418 -1.25 18.60 19.71
CA SER B 418 0.05 17.92 19.85
C SER B 418 0.63 17.27 18.60
N LEU B 419 1.85 16.76 18.74
CA LEU B 419 2.58 16.08 17.67
C LEU B 419 2.88 14.63 18.01
N VAL B 420 2.78 13.76 17.01
CA VAL B 420 3.07 12.34 17.20
C VAL B 420 3.81 11.79 15.98
N GLU B 421 4.87 11.03 16.21
CA GLU B 421 5.67 10.45 15.14
C GLU B 421 4.92 9.30 14.45
N LEU B 422 5.10 9.20 13.14
CA LEU B 422 4.41 8.22 12.28
C LEU B 422 4.53 6.74 12.66
N ALA B 423 5.75 6.27 12.90
CA ALA B 423 5.99 4.86 13.25
C ALA B 423 5.45 4.47 14.62
N THR B 424 5.08 5.46 15.43
CA THR B 424 4.54 5.21 16.77
C THR B 424 3.08 4.80 16.69
N VAL B 425 2.36 5.30 15.70
CA VAL B 425 0.93 5.00 15.56
C VAL B 425 0.62 4.04 14.41
N SER B 426 1.46 4.01 13.38
CA SER B 426 1.25 3.12 12.25
C SER B 426 2.08 1.84 12.32
N PRO B 427 1.42 0.70 12.58
CA PRO B 427 2.09 -0.61 12.62
C PRO B 427 2.74 -0.99 11.29
N LEU B 428 2.19 -0.48 10.19
CA LEU B 428 2.73 -0.73 8.86
C LEU B 428 4.08 -0.05 8.68
N VAL B 429 4.12 1.25 8.99
CA VAL B 429 5.33 2.04 8.87
C VAL B 429 6.43 1.52 9.78
N ALA B 430 6.08 1.21 11.02
CA ALA B 430 7.02 0.70 12.00
C ALA B 430 7.67 -0.61 11.53
N ALA B 431 6.88 -1.41 10.81
CA ALA B 431 7.37 -2.68 10.27
C ALA B 431 8.36 -2.46 9.13
N LEU B 432 8.19 -1.36 8.41
CA LEU B 432 9.09 -1.04 7.29
C LEU B 432 10.33 -0.26 7.73
N ALA B 433 10.55 -0.17 9.04
CA ALA B 433 11.70 0.55 9.58
C ALA B 433 12.92 -0.36 9.70
N GLY B 434 12.74 -1.51 10.34
CA GLY B 434 13.85 -2.44 10.56
C GLY B 434 13.70 -3.81 9.90
N GLN B 435 13.25 -3.83 8.65
CA GLN B 435 13.07 -5.09 7.93
C GLN B 435 13.75 -5.08 6.56
N SER B 436 13.83 -3.90 5.94
CA SER B 436 14.47 -3.76 4.63
C SER B 436 15.98 -3.52 4.77
N GLN B 437 16.65 -4.41 5.48
CA GLN B 437 18.08 -4.30 5.73
C GLN B 437 18.82 -5.53 5.17
N GLY B 438 18.42 -6.00 4.01
CA GLY B 438 19.05 -7.19 3.42
C GLY B 438 19.28 -7.21 1.92
N ASP B 439 19.59 -6.04 1.34
CA ASP B 439 19.87 -5.95 -0.10
C ASP B 439 21.13 -6.73 -0.44
N GLU B 440 21.04 -7.65 -1.40
CA GLU B 440 22.17 -8.49 -1.79
C GLU B 440 22.20 -8.79 -3.29
N ARG B 441 23.38 -8.62 -3.92
CA ARG B 441 23.57 -8.89 -5.36
C ARG B 441 25.04 -9.14 -5.78
N PHE B 442 25.22 -10.09 -6.69
CA PHE B 442 26.54 -10.43 -7.25
C PHE B 442 26.44 -10.36 -8.77
N TYR B 443 27.33 -9.59 -9.40
CA TYR B 443 27.24 -9.35 -10.85
C TYR B 443 28.20 -10.13 -11.74
N PHE B 444 27.68 -10.54 -12.89
CA PHE B 444 28.43 -11.33 -13.87
C PHE B 444 27.84 -11.09 -15.27
N PRO B 445 28.65 -11.27 -16.33
CA PRO B 445 28.18 -11.07 -17.70
C PRO B 445 27.08 -12.05 -18.12
N LYS B 446 26.29 -11.64 -19.10
CA LYS B 446 25.18 -12.44 -19.62
C LYS B 446 25.69 -13.65 -20.40
N GLU B 447 26.93 -13.55 -20.88
CA GLU B 447 27.58 -14.61 -21.65
C GLU B 447 27.44 -15.99 -21.00
N MET B 448 27.70 -16.06 -19.69
CA MET B 448 27.67 -17.31 -18.92
C MET B 448 26.43 -18.18 -19.14
N LEU B 449 25.31 -17.56 -19.50
CA LEU B 449 24.08 -18.28 -19.74
C LEU B 449 23.65 -18.19 -21.20
N PHE B 460 34.45 -26.26 -25.39
CA PHE B 460 34.58 -24.84 -25.12
C PHE B 460 33.50 -24.34 -24.16
N ASP B 461 32.84 -25.28 -23.48
CA ASP B 461 31.78 -24.95 -22.54
C ASP B 461 31.88 -25.69 -21.20
N GLU B 462 33.10 -25.90 -20.73
CA GLU B 462 33.35 -26.58 -19.46
C GLU B 462 32.96 -25.66 -18.30
N THR B 463 33.16 -24.36 -18.51
CA THR B 463 32.86 -23.35 -17.51
C THR B 463 31.36 -23.04 -17.47
N TYR B 464 30.73 -23.04 -18.64
CA TYR B 464 29.30 -22.75 -18.77
C TYR B 464 28.40 -23.63 -17.89
N ARG B 465 28.63 -24.94 -17.91
CA ARG B 465 27.85 -25.87 -17.08
C ARG B 465 28.22 -25.74 -15.61
N GLU B 466 29.51 -25.68 -15.34
CA GLU B 466 30.03 -25.57 -13.97
C GLU B 466 29.53 -24.31 -13.26
N PHE B 467 29.51 -23.19 -13.98
CA PHE B 467 29.08 -21.90 -13.43
C PHE B 467 27.57 -21.85 -13.21
N SER B 468 26.82 -22.47 -14.11
CA SER B 468 25.35 -22.50 -14.02
C SER B 468 24.87 -23.35 -12.86
N SER B 469 25.73 -24.24 -12.37
CA SER B 469 25.39 -25.11 -11.25
C SER B 469 25.26 -24.34 -9.94
N TYR B 470 25.89 -23.16 -9.88
CA TYR B 470 25.83 -22.32 -8.69
C TYR B 470 24.70 -21.30 -8.77
N ILE B 471 24.08 -21.19 -9.96
CA ILE B 471 22.97 -20.26 -10.16
C ILE B 471 21.63 -20.99 -10.12
N HIS B 472 20.79 -20.61 -9.15
CA HIS B 472 19.48 -21.23 -9.00
C HIS B 472 18.43 -20.14 -8.77
N ASN B 473 17.70 -19.81 -9.83
CA ASN B 473 16.65 -18.79 -9.79
C ASN B 473 17.15 -17.43 -9.29
N GLY B 474 18.31 -17.00 -9.80
CA GLY B 474 18.90 -15.74 -9.41
C GLY B 474 19.51 -15.74 -8.02
N ALA B 475 19.90 -16.91 -7.55
CA ALA B 475 20.51 -17.06 -6.23
C ALA B 475 21.72 -17.99 -6.29
N LEU B 476 22.60 -17.87 -5.29
CA LEU B 476 23.81 -18.69 -5.23
C LEU B 476 23.64 -19.94 -4.36
N VAL B 477 24.28 -21.03 -4.80
CA VAL B 477 24.22 -22.29 -4.09
C VAL B 477 25.37 -22.40 -3.09
ZN ZN C . -17.75 -14.95 2.75
CL CL D . -21.75 -8.06 14.00
C1 HED E . -29.43 -25.71 15.07
O1 HED E . -28.55 -25.16 14.07
C2 HED E . -30.13 -26.93 14.51
S3 HED E . -30.37 -28.14 15.77
S4 HED E . -30.25 -30.01 15.07
C5 HED E . -28.74 -30.77 15.57
C6 HED E . -28.35 -31.83 14.55
O6 HED E . -26.92 -31.99 14.56
ZN ZN F . 15.02 16.28 -7.04
CL CL G . 23.29 6.64 -13.31
#